data_5ZVE
#
_entry.id   5ZVE
#
_cell.length_a   52.982
_cell.length_b   52.176
_cell.length_c   83.804
_cell.angle_alpha   80.630
_cell.angle_beta   80.580
_cell.angle_gamma   67.900
#
_symmetry.space_group_name_H-M   'P 1'
#
loop_
_entity.id
_entity.type
_entity.pdbx_description
1 polymer '389aa long hypothetical nucleolar protein'
2 non-polymer S-ADENOSYL-L-HOMOCYSTEINE
3 water water
#
_entity_poly.entity_id   1
_entity_poly.type   'polypeptide(L)'
_entity_poly.pdbx_seq_one_letter_code
;YLEAFPKELREYYKNLFGKEEANKIMKKLREPVEHYYIRVNTLKISREKLIGELKKEGLKPLRSPYLPEGLYFVREGPNF
SDDFEPKLPVVVANKYAAESVYQGAMLYAPGVLKADKNIKEGDEVQIRDPKGLLVGIGIARMDYKEMTEATRGLAVEVTL
PKFKLPSLSELKAFEKGYFYPQGLPSMVTARVLEPKEDDVIIDMAAAPGGKTTHIAQLLENKGEIIAIDKSKNRLRKMEE
NIKRLGVKNVKLVQMDARKLPDLGIKADKILLDAPCTALGVRPKLWEERTLKHIEATARYQRAFIWAAIKSLRRGGVLVY
STCTLSYEENEGNVKFMIRKGMKLEEQSIFIGSPGIGMNKVQRFYPHKHLTQGFFIAKLRKVKD
;
_entity_poly.pdbx_strand_id   B,A
#
# COMPACT_ATOMS: atom_id res chain seq x y z
N TYR A 1 -8.23 -32.50 -29.71
CA TYR A 1 -8.57 -31.44 -28.76
C TYR A 1 -9.92 -30.79 -29.07
N LEU A 2 -10.32 -30.82 -30.35
CA LEU A 2 -11.56 -30.18 -30.80
C LEU A 2 -12.79 -30.65 -30.01
N GLU A 3 -12.72 -31.88 -29.52
CA GLU A 3 -13.83 -32.49 -28.78
C GLU A 3 -14.16 -31.74 -27.50
N ALA A 4 -13.19 -31.02 -26.94
CA ALA A 4 -13.39 -30.27 -25.71
C ALA A 4 -14.36 -29.10 -25.90
N PHE A 5 -14.63 -28.76 -27.15
CA PHE A 5 -15.46 -27.60 -27.46
C PHE A 5 -16.69 -28.02 -28.23
N PRO A 6 -17.88 -27.60 -27.77
CA PRO A 6 -19.14 -27.93 -28.45
C PRO A 6 -19.10 -27.42 -29.89
N LYS A 7 -19.82 -28.08 -30.79
CA LYS A 7 -19.69 -27.83 -32.22
C LYS A 7 -20.04 -26.40 -32.61
N GLU A 8 -21.12 -25.85 -32.07
CA GLU A 8 -21.55 -24.51 -32.46
C GLU A 8 -20.53 -23.45 -32.03
N LEU A 9 -19.89 -23.66 -30.90
CA LEU A 9 -18.81 -22.75 -30.48
C LEU A 9 -17.62 -22.87 -31.41
N ARG A 10 -17.31 -24.09 -31.83
CA ARG A 10 -16.21 -24.31 -32.78
C ARG A 10 -16.47 -23.57 -34.07
N GLU A 11 -17.70 -23.67 -34.58
CA GLU A 11 -18.10 -22.92 -35.76
C GLU A 11 -18.01 -21.42 -35.51
N TYR A 12 -18.36 -21.01 -34.31
CA TYR A 12 -18.30 -19.61 -33.92
C TYR A 12 -16.87 -19.11 -34.01
N TYR A 13 -15.94 -19.86 -33.41
CA TYR A 13 -14.53 -19.51 -33.46
C TYR A 13 -14.00 -19.45 -34.89
N LYS A 14 -14.34 -20.46 -35.69
CA LYS A 14 -13.90 -20.49 -37.08
C LYS A 14 -14.39 -19.27 -37.83
N ASN A 15 -15.65 -18.89 -37.59
CA ASN A 15 -16.23 -17.71 -38.23
C ASN A 15 -15.55 -16.43 -37.78
N LEU A 16 -15.16 -16.39 -36.51
CA LEU A 16 -14.67 -15.16 -35.91
C LEU A 16 -13.16 -14.99 -36.10
N PHE A 17 -12.44 -16.10 -36.14
CA PHE A 17 -10.98 -16.03 -36.22
C PHE A 17 -10.43 -16.61 -37.51
N GLY A 18 -11.24 -17.40 -38.21
CA GLY A 18 -10.73 -18.16 -39.34
C GLY A 18 -10.35 -19.55 -38.87
N LYS A 19 -10.51 -20.55 -39.74
CA LYS A 19 -10.28 -21.94 -39.38
C LYS A 19 -8.92 -22.22 -38.73
N GLU A 20 -7.86 -21.72 -39.36
CA GLU A 20 -6.51 -21.99 -38.89
C GLU A 20 -6.28 -21.45 -37.49
N GLU A 21 -6.54 -20.15 -37.31
CA GLU A 21 -6.34 -19.51 -36.02
C GLU A 21 -7.24 -20.10 -34.95
N ALA A 22 -8.48 -20.40 -35.33
CA ALA A 22 -9.44 -21.03 -34.41
C ALA A 22 -8.92 -22.36 -33.89
N ASN A 23 -8.30 -23.13 -34.77
CA ASN A 23 -7.78 -24.43 -34.39
C ASN A 23 -6.57 -24.31 -33.47
N LYS A 24 -5.73 -23.30 -33.73
CA LYS A 24 -4.56 -23.03 -32.90
C LYS A 24 -4.95 -22.54 -31.51
N ILE A 25 -6.02 -21.76 -31.45
CA ILE A 25 -6.49 -21.22 -30.18
C ILE A 25 -7.09 -22.33 -29.31
N MET A 26 -7.95 -23.14 -29.91
CA MET A 26 -8.58 -24.24 -29.18
C MET A 26 -7.56 -25.27 -28.71
N LYS A 27 -6.58 -25.56 -29.56
CA LYS A 27 -5.51 -26.49 -29.20
C LYS A 27 -4.76 -26.02 -27.96
N LYS A 28 -4.39 -24.74 -27.95
CA LYS A 28 -3.62 -24.19 -26.84
C LYS A 28 -4.48 -23.98 -25.59
N LEU A 29 -5.76 -23.67 -25.80
CA LEU A 29 -6.70 -23.49 -24.69
C LEU A 29 -6.82 -24.74 -23.84
N ARG A 30 -6.58 -25.90 -24.45
CA ARG A 30 -6.70 -27.16 -23.71
C ARG A 30 -5.53 -27.36 -22.74
N GLU A 31 -4.47 -26.58 -22.92
CA GLU A 31 -3.25 -26.73 -22.12
C GLU A 31 -3.10 -25.59 -21.11
N PRO A 32 -2.36 -25.85 -20.02
CA PRO A 32 -2.06 -24.77 -19.07
C PRO A 32 -1.19 -23.71 -19.73
N VAL A 33 -1.16 -22.51 -19.16
CA VAL A 33 -0.34 -21.44 -19.73
C VAL A 33 1.12 -21.89 -19.73
N GLU A 34 1.83 -21.51 -20.79
CA GLU A 34 3.24 -21.87 -20.93
C GLU A 34 4.09 -21.08 -19.95
N HIS A 35 3.70 -19.83 -19.71
CA HIS A 35 4.38 -18.97 -18.75
C HIS A 35 3.45 -18.66 -17.58
N TYR A 36 3.79 -19.19 -16.41
CA TYR A 36 2.94 -19.05 -15.24
C TYR A 36 3.38 -17.84 -14.41
N TYR A 37 2.57 -16.79 -14.43
CA TYR A 37 2.96 -15.50 -13.86
C TYR A 37 2.49 -15.32 -12.42
N ILE A 38 3.26 -14.56 -11.65
CA ILE A 38 2.85 -14.12 -10.33
C ILE A 38 3.14 -12.63 -10.21
N ARG A 39 2.40 -11.96 -9.33
CA ARG A 39 2.69 -10.56 -9.08
C ARG A 39 3.52 -10.39 -7.83
N VAL A 40 4.64 -9.69 -7.95
CA VAL A 40 5.43 -9.32 -6.78
C VAL A 40 4.68 -8.27 -5.98
N ASN A 41 4.41 -8.55 -4.71
CA ASN A 41 3.75 -7.59 -3.86
C ASN A 41 4.75 -6.57 -3.34
N THR A 42 4.95 -5.51 -4.10
CA THR A 42 5.90 -4.46 -3.75
C THR A 42 5.53 -3.69 -2.48
N LEU A 43 4.39 -4.02 -1.86
CA LEU A 43 4.05 -3.47 -0.57
C LEU A 43 4.91 -4.10 0.53
N LYS A 44 5.37 -5.33 0.28
CA LYS A 44 6.11 -6.09 1.27
C LYS A 44 7.54 -6.44 0.89
N ILE A 45 7.81 -6.51 -0.41
CA ILE A 45 9.10 -7.01 -0.87
C ILE A 45 9.38 -6.47 -2.27
N SER A 46 10.66 -6.40 -2.63
CA SER A 46 11.05 -6.02 -3.98
C SER A 46 11.13 -7.26 -4.84
N ARG A 47 11.16 -7.08 -6.15
CA ARG A 47 11.23 -8.19 -7.09
C ARG A 47 12.48 -9.06 -6.88
N GLU A 48 13.65 -8.44 -6.80
CA GLU A 48 14.89 -9.22 -6.73
C GLU A 48 14.99 -9.98 -5.42
N LYS A 49 14.57 -9.36 -4.33
CA LYS A 49 14.53 -10.01 -3.04
C LYS A 49 13.66 -11.27 -3.07
N LEU A 50 12.46 -11.16 -3.65
CA LEU A 50 11.55 -12.29 -3.76
C LEU A 50 12.16 -13.42 -4.57
N ILE A 51 12.80 -13.08 -5.68
CA ILE A 51 13.52 -14.04 -6.52
C ILE A 51 14.50 -14.83 -5.67
N GLY A 52 15.30 -14.13 -4.87
CA GLY A 52 16.21 -14.77 -3.94
C GLY A 52 15.51 -15.80 -3.08
N GLU A 53 14.31 -15.45 -2.59
CA GLU A 53 13.53 -16.35 -1.74
C GLU A 53 13.02 -17.57 -2.51
N LEU A 54 12.62 -17.34 -3.75
CA LEU A 54 12.10 -18.43 -4.58
C LEU A 54 13.21 -19.36 -5.07
N LYS A 55 14.39 -18.81 -5.30
CA LYS A 55 15.53 -19.65 -5.69
C LYS A 55 15.93 -20.56 -4.53
N LYS A 56 15.84 -20.03 -3.31
CA LYS A 56 16.05 -20.82 -2.11
C LYS A 56 15.18 -22.08 -2.08
N GLU A 57 13.96 -21.97 -2.58
CA GLU A 57 13.01 -23.09 -2.56
C GLU A 57 13.14 -23.98 -3.79
N GLY A 58 14.17 -23.73 -4.61
CA GLY A 58 14.42 -24.54 -5.79
C GLY A 58 13.65 -24.10 -7.02
N LEU A 59 13.00 -22.95 -6.95
CA LEU A 59 12.19 -22.48 -8.07
C LEU A 59 13.03 -21.67 -9.04
N LYS A 60 12.58 -21.59 -10.29
CA LYS A 60 13.31 -20.85 -11.33
C LYS A 60 12.49 -19.69 -11.88
N PRO A 61 12.26 -18.66 -11.05
CA PRO A 61 11.44 -17.54 -11.54
C PRO A 61 12.18 -16.76 -12.61
N LEU A 62 11.45 -16.25 -13.60
CA LEU A 62 12.06 -15.40 -14.61
C LEU A 62 11.39 -14.03 -14.59
N ARG A 63 12.16 -13.00 -14.94
CA ARG A 63 11.68 -11.62 -14.86
C ARG A 63 10.96 -11.17 -16.13
N SER A 64 9.93 -10.36 -15.97
CA SER A 64 9.30 -9.75 -17.15
C SER A 64 9.97 -8.41 -17.43
N PRO A 65 10.34 -8.17 -18.70
CA PRO A 65 10.92 -6.89 -19.12
C PRO A 65 9.87 -5.81 -19.34
N TYR A 66 8.59 -6.18 -19.26
CA TYR A 66 7.50 -5.23 -19.44
C TYR A 66 6.84 -4.82 -18.12
N LEU A 67 6.76 -5.78 -17.20
CA LEU A 67 6.19 -5.52 -15.89
C LEU A 67 7.23 -5.72 -14.80
N PRO A 68 7.75 -4.62 -14.25
CA PRO A 68 8.73 -4.70 -13.15
C PRO A 68 8.21 -5.49 -11.95
N GLU A 69 6.91 -5.67 -11.84
CA GLU A 69 6.37 -6.49 -10.76
C GLU A 69 6.04 -7.90 -11.23
N GLY A 70 6.43 -8.24 -12.46
CA GLY A 70 6.10 -9.54 -13.02
C GLY A 70 7.20 -10.60 -12.94
N LEU A 71 6.83 -11.78 -12.46
CA LEU A 71 7.71 -12.95 -12.50
C LEU A 71 6.94 -14.12 -13.08
N TYR A 72 7.60 -14.97 -13.85
CA TYR A 72 6.90 -16.13 -14.37
C TYR A 72 7.74 -17.40 -14.31
N PHE A 73 7.06 -18.53 -14.29
CA PHE A 73 7.71 -19.83 -14.28
C PHE A 73 7.39 -20.54 -15.58
N VAL A 74 8.39 -21.21 -16.14
CA VAL A 74 8.18 -21.92 -17.40
C VAL A 74 7.51 -23.25 -17.10
N ARG A 75 6.49 -23.56 -17.89
CA ARG A 75 5.70 -24.78 -17.72
C ARG A 75 6.47 -26.00 -18.23
N GLU A 76 6.25 -27.15 -17.58
CA GLU A 76 6.85 -28.40 -18.02
C GLU A 76 5.78 -29.31 -18.64
N GLY A 77 6.12 -29.94 -19.76
CA GLY A 77 5.21 -30.85 -20.42
C GLY A 77 4.95 -30.48 -21.88
N PRO A 78 4.19 -31.31 -22.61
CA PRO A 78 3.49 -32.50 -22.10
C PRO A 78 4.40 -33.68 -21.83
N ASN A 79 4.19 -34.33 -20.69
CA ASN A 79 5.05 -35.43 -20.25
C ASN A 79 4.70 -36.76 -20.89
N PHE A 80 3.59 -36.80 -21.61
CA PHE A 80 3.27 -37.96 -22.44
C PHE A 80 2.38 -37.56 -23.61
N SER A 81 2.32 -38.43 -24.60
CA SER A 81 1.58 -38.16 -25.83
C SER A 81 0.07 -38.13 -25.60
N ASP A 82 -0.65 -37.46 -26.50
CA ASP A 82 -2.08 -37.32 -26.37
C ASP A 82 -2.80 -38.65 -26.56
N ASP A 83 -2.17 -39.58 -27.28
CA ASP A 83 -2.76 -40.88 -27.53
C ASP A 83 -2.25 -41.98 -26.61
N PHE A 84 -1.36 -41.61 -25.69
CA PHE A 84 -0.74 -42.59 -24.79
C PHE A 84 -1.75 -43.45 -24.04
N GLU A 85 -1.59 -44.76 -24.14
CA GLU A 85 -2.47 -45.70 -23.46
C GLU A 85 -1.70 -46.55 -22.46
N PRO A 86 -1.49 -46.01 -21.25
CA PRO A 86 -0.75 -46.75 -20.23
C PRO A 86 -1.45 -48.04 -19.85
N LYS A 87 -0.68 -49.10 -19.61
CA LYS A 87 -1.25 -50.36 -19.19
C LYS A 87 -1.34 -50.38 -17.68
N LEU A 88 -2.31 -49.64 -17.14
CA LEU A 88 -2.37 -49.35 -15.72
C LEU A 88 -3.81 -49.34 -15.25
N PRO A 89 -4.04 -49.73 -13.99
CA PRO A 89 -5.40 -49.59 -13.44
C PRO A 89 -5.79 -48.11 -13.38
N VAL A 90 -7.09 -47.83 -13.51
CA VAL A 90 -7.55 -46.46 -13.64
C VAL A 90 -8.07 -45.90 -12.31
N VAL A 91 -7.60 -44.70 -11.96
CA VAL A 91 -8.25 -43.90 -10.94
C VAL A 91 -9.01 -42.76 -11.62
N VAL A 92 -10.29 -42.62 -11.32
CA VAL A 92 -11.09 -41.54 -11.88
C VAL A 92 -11.19 -40.40 -10.89
N ALA A 93 -10.65 -39.25 -11.27
CA ALA A 93 -10.73 -38.04 -10.44
C ALA A 93 -11.94 -37.23 -10.86
N ASN A 94 -12.57 -36.55 -9.91
CA ASN A 94 -13.67 -35.67 -10.28
C ASN A 94 -13.14 -34.47 -11.07
N LYS A 95 -14.06 -33.73 -11.67
CA LYS A 95 -13.75 -32.65 -12.59
C LYS A 95 -12.71 -31.68 -12.05
N TYR A 96 -12.84 -31.33 -10.77
CA TYR A 96 -11.97 -30.33 -10.17
C TYR A 96 -10.60 -30.89 -9.84
N ALA A 97 -10.56 -32.11 -9.30
CA ALA A 97 -9.30 -32.75 -8.96
C ALA A 97 -8.46 -33.02 -10.21
N ALA A 98 -9.13 -33.44 -11.28
CA ALA A 98 -8.47 -33.76 -12.54
C ALA A 98 -7.72 -32.58 -13.15
N GLU A 99 -8.31 -31.38 -13.06
CA GLU A 99 -7.71 -30.19 -13.64
C GLU A 99 -6.44 -29.79 -12.89
N SER A 100 -6.41 -30.02 -11.58
CA SER A 100 -5.23 -29.68 -10.78
C SER A 100 -4.11 -30.71 -10.99
N VAL A 101 -4.47 -31.99 -11.03
CA VAL A 101 -3.53 -33.08 -11.36
C VAL A 101 -2.90 -32.86 -12.74
N TYR A 102 -3.73 -32.42 -13.69
CA TYR A 102 -3.33 -32.05 -15.04
C TYR A 102 -2.20 -31.03 -15.04
N GLN A 103 -2.07 -30.28 -13.95
CA GLN A 103 -1.05 -29.23 -13.86
C GLN A 103 0.00 -29.53 -12.80
N GLY A 104 -0.07 -30.72 -12.20
CA GLY A 104 0.98 -31.18 -11.31
C GLY A 104 0.62 -31.39 -9.85
N ALA A 105 -0.64 -31.15 -9.50
CA ALA A 105 -1.09 -31.42 -8.14
C ALA A 105 -1.11 -32.90 -7.85
N MET A 106 -0.95 -33.25 -6.58
CA MET A 106 -1.22 -34.60 -6.12
C MET A 106 -2.72 -34.86 -6.15
N LEU A 107 -3.12 -36.12 -6.11
CA LEU A 107 -4.53 -36.44 -6.02
C LEU A 107 -4.88 -36.86 -4.61
N TYR A 108 -5.81 -36.13 -3.99
CA TYR A 108 -6.24 -36.43 -2.64
C TYR A 108 -7.57 -37.18 -2.66
N ALA A 109 -7.88 -37.86 -1.56
CA ALA A 109 -9.02 -38.78 -1.49
C ALA A 109 -10.36 -38.14 -1.87
N PRO A 110 -10.69 -36.96 -1.31
CA PRO A 110 -11.95 -36.35 -1.75
C PRO A 110 -11.99 -36.04 -3.25
N GLY A 111 -10.83 -36.01 -3.90
CA GLY A 111 -10.77 -35.76 -5.32
C GLY A 111 -11.04 -37.01 -6.15
N VAL A 112 -11.19 -38.14 -5.48
CA VAL A 112 -11.38 -39.42 -6.16
C VAL A 112 -12.86 -39.74 -6.34
N LEU A 113 -13.25 -39.97 -7.59
CA LEU A 113 -14.64 -40.30 -7.92
C LEU A 113 -14.88 -41.80 -7.81
N LYS A 114 -14.01 -42.57 -8.45
CA LYS A 114 -14.08 -44.03 -8.41
C LYS A 114 -12.76 -44.58 -8.95
N ALA A 115 -12.54 -45.88 -8.79
CA ALA A 115 -11.26 -46.47 -9.18
C ALA A 115 -11.34 -47.96 -9.41
N ASP A 116 -10.30 -48.50 -10.05
CA ASP A 116 -10.15 -49.93 -10.27
C ASP A 116 -9.96 -50.62 -8.92
N LYS A 117 -10.70 -51.70 -8.70
CA LYS A 117 -10.73 -52.35 -7.40
C LYS A 117 -9.46 -53.13 -7.06
N ASN A 118 -8.61 -53.39 -8.05
CA ASN A 118 -7.36 -54.12 -7.82
C ASN A 118 -6.24 -53.27 -7.22
N ILE A 119 -6.50 -51.97 -7.07
CA ILE A 119 -5.46 -51.04 -6.70
C ILE A 119 -5.04 -51.14 -5.23
N LYS A 120 -3.74 -51.31 -5.00
CA LYS A 120 -3.19 -51.32 -3.65
C LYS A 120 -2.07 -50.29 -3.54
N GLU A 121 -1.77 -49.86 -2.31
CA GLU A 121 -0.68 -48.91 -2.06
C GLU A 121 0.60 -49.33 -2.78
N GLY A 122 1.25 -48.38 -3.42
CA GLY A 122 2.47 -48.66 -4.16
C GLY A 122 2.26 -49.01 -5.63
N ASP A 123 1.02 -49.28 -6.01
CA ASP A 123 0.72 -49.59 -7.41
C ASP A 123 0.87 -48.37 -8.29
N GLU A 124 1.37 -48.59 -9.50
CA GLU A 124 1.38 -47.55 -10.51
C GLU A 124 -0.01 -47.46 -11.14
N VAL A 125 -0.56 -46.23 -11.20
CA VAL A 125 -1.92 -46.03 -11.70
C VAL A 125 -1.98 -44.86 -12.67
N GLN A 126 -3.02 -44.85 -13.50
CA GLN A 126 -3.27 -43.73 -14.38
C GLN A 126 -4.49 -42.99 -13.88
N ILE A 127 -4.46 -41.66 -13.99
CA ILE A 127 -5.56 -40.85 -13.52
C ILE A 127 -6.30 -40.21 -14.69
N ARG A 128 -7.61 -40.46 -14.72
CA ARG A 128 -8.46 -39.88 -15.75
C ARG A 128 -9.59 -39.06 -15.15
N ASP A 129 -10.03 -38.04 -15.89
CA ASP A 129 -11.18 -37.25 -15.47
C ASP A 129 -12.45 -38.04 -15.78
N PRO A 130 -13.63 -37.53 -15.36
CA PRO A 130 -14.84 -38.36 -15.56
C PRO A 130 -15.18 -38.67 -17.01
N LYS A 131 -14.54 -37.97 -17.95
CA LYS A 131 -14.80 -38.20 -19.37
C LYS A 131 -13.65 -38.91 -20.08
N GLY A 132 -12.74 -39.52 -19.31
CA GLY A 132 -11.71 -40.34 -19.90
C GLY A 132 -10.43 -39.61 -20.32
N LEU A 133 -10.35 -38.32 -20.03
CA LEU A 133 -9.14 -37.57 -20.33
C LEU A 133 -8.01 -38.00 -19.40
N LEU A 134 -6.91 -38.46 -19.98
CA LEU A 134 -5.75 -38.85 -19.18
C LEU A 134 -5.01 -37.59 -18.72
N VAL A 135 -4.98 -37.38 -17.41
CA VAL A 135 -4.44 -36.14 -16.87
C VAL A 135 -3.15 -36.37 -16.09
N GLY A 136 -2.83 -37.62 -15.81
CA GLY A 136 -1.65 -37.92 -15.04
C GLY A 136 -1.45 -39.38 -14.71
N ILE A 137 -0.21 -39.70 -14.34
CA ILE A 137 0.20 -41.02 -13.92
C ILE A 137 0.97 -40.90 -12.62
N GLY A 138 0.81 -41.86 -11.71
CA GLY A 138 1.44 -41.77 -10.42
C GLY A 138 1.39 -43.07 -9.64
N ILE A 139 1.62 -42.97 -8.34
CA ILE A 139 1.72 -44.14 -7.47
C ILE A 139 0.67 -44.02 -6.36
N ALA A 140 -0.16 -45.05 -6.22
CA ALA A 140 -1.21 -45.06 -5.21
C ALA A 140 -0.61 -45.13 -3.81
N ARG A 141 -1.08 -44.25 -2.93
CA ARG A 141 -0.67 -44.25 -1.54
C ARG A 141 -1.80 -44.73 -0.63
N MET A 142 -2.89 -45.17 -1.27
CA MET A 142 -3.99 -45.81 -0.57
C MET A 142 -4.43 -47.04 -1.33
N ASP A 143 -4.98 -48.02 -0.62
CA ASP A 143 -5.62 -49.15 -1.28
C ASP A 143 -6.94 -48.66 -1.87
N TYR A 144 -7.53 -49.47 -2.74
CA TYR A 144 -8.83 -49.11 -3.33
C TYR A 144 -9.85 -48.69 -2.27
N LYS A 145 -9.99 -49.51 -1.24
CA LYS A 145 -11.00 -49.31 -0.21
C LYS A 145 -10.87 -47.95 0.47
N GLU A 146 -9.66 -47.61 0.92
CA GLU A 146 -9.43 -46.35 1.61
C GLU A 146 -9.56 -45.14 0.67
N MET A 147 -9.12 -45.34 -0.57
CA MET A 147 -9.16 -44.29 -1.59
C MET A 147 -10.58 -43.82 -1.86
N THR A 148 -11.53 -44.76 -1.89
CA THR A 148 -12.92 -44.45 -2.18
C THR A 148 -13.72 -44.08 -0.93
N GLU A 149 -13.08 -44.12 0.24
CA GLU A 149 -13.79 -43.85 1.49
C GLU A 149 -13.25 -42.68 2.30
N ALA A 150 -11.93 -42.51 2.32
CA ALA A 150 -11.29 -41.45 3.09
C ALA A 150 -11.88 -40.09 2.79
N THR A 151 -11.91 -39.22 3.80
CA THR A 151 -12.36 -37.84 3.63
C THR A 151 -11.17 -36.90 3.49
N ARG A 152 -9.98 -37.40 3.79
CA ARG A 152 -8.77 -36.62 3.64
C ARG A 152 -7.59 -37.52 3.31
N GLY A 153 -6.42 -36.92 3.06
CA GLY A 153 -5.21 -37.70 2.83
C GLY A 153 -4.78 -37.80 1.38
N LEU A 154 -3.57 -38.32 1.17
CA LEU A 154 -3.01 -38.49 -0.17
C LEU A 154 -3.43 -39.82 -0.79
N ALA A 155 -4.05 -39.75 -1.96
CA ALA A 155 -4.55 -40.95 -2.62
C ALA A 155 -3.60 -41.43 -3.71
N VAL A 156 -3.16 -40.52 -4.57
CA VAL A 156 -2.16 -40.86 -5.57
C VAL A 156 -1.07 -39.81 -5.58
N GLU A 157 0.16 -40.25 -5.41
CA GLU A 157 1.31 -39.38 -5.62
C GLU A 157 1.54 -39.27 -7.11
N VAL A 158 1.29 -38.09 -7.66
CA VAL A 158 1.38 -37.90 -9.11
C VAL A 158 2.82 -37.59 -9.49
N THR A 159 3.50 -38.60 -10.03
CA THR A 159 4.90 -38.50 -10.41
C THR A 159 5.05 -38.18 -11.88
N LEU A 160 3.98 -38.34 -12.64
CA LEU A 160 3.99 -37.98 -14.05
C LEU A 160 2.70 -37.28 -14.44
N PRO A 161 2.56 -36.02 -14.05
CA PRO A 161 1.43 -35.21 -14.50
C PRO A 161 1.56 -34.92 -16.00
N LYS A 162 0.44 -34.65 -16.67
CA LYS A 162 0.50 -34.30 -18.08
C LYS A 162 1.33 -33.02 -18.25
N PHE A 163 1.09 -32.04 -17.39
CA PHE A 163 1.88 -30.81 -17.35
C PHE A 163 2.27 -30.51 -15.92
N LYS A 164 3.33 -29.72 -15.76
CA LYS A 164 3.78 -29.33 -14.44
C LYS A 164 3.96 -27.82 -14.31
N LEU A 165 3.19 -27.23 -13.40
CA LEU A 165 3.38 -25.85 -12.97
C LEU A 165 3.76 -25.89 -11.51
N PRO A 166 4.60 -24.94 -11.05
CA PRO A 166 5.00 -24.93 -9.64
C PRO A 166 3.80 -24.71 -8.72
N SER A 167 3.80 -25.37 -7.56
CA SER A 167 2.81 -25.08 -6.52
C SER A 167 3.40 -24.06 -5.56
N LEU A 168 2.75 -22.90 -5.45
CA LEU A 168 3.29 -21.81 -4.67
C LEU A 168 2.49 -21.52 -3.41
N SER A 169 1.30 -22.11 -3.32
CA SER A 169 0.37 -21.80 -2.23
C SER A 169 0.90 -22.23 -0.87
N GLU A 170 1.76 -23.24 -0.84
CA GLU A 170 2.28 -23.76 0.42
C GLU A 170 3.61 -23.13 0.84
N LEU A 171 4.12 -22.22 0.02
CA LEU A 171 5.40 -21.58 0.32
C LEU A 171 5.27 -20.57 1.45
N LYS A 172 6.34 -20.41 2.22
CA LYS A 172 6.39 -19.40 3.27
C LYS A 172 6.22 -18.03 2.65
N ALA A 173 6.83 -17.86 1.48
CA ALA A 173 6.76 -16.60 0.74
C ALA A 173 5.32 -16.22 0.41
N PHE A 174 4.50 -17.22 0.13
CA PHE A 174 3.08 -16.97 -0.14
C PHE A 174 2.36 -16.56 1.14
N GLU A 175 2.66 -17.27 2.22
CA GLU A 175 2.04 -16.99 3.51
C GLU A 175 2.39 -15.60 4.05
N LYS A 176 3.59 -15.13 3.74
CA LYS A 176 4.04 -13.83 4.21
C LYS A 176 3.55 -12.70 3.30
N GLY A 177 2.80 -13.04 2.26
CA GLY A 177 2.19 -12.05 1.40
C GLY A 177 3.14 -11.42 0.40
N TYR A 178 4.19 -12.14 0.03
CA TYR A 178 5.23 -11.61 -0.85
C TYR A 178 4.78 -11.54 -2.31
N PHE A 179 3.77 -12.31 -2.67
CA PHE A 179 3.30 -12.34 -4.06
C PHE A 179 1.86 -12.81 -4.20
N TYR A 180 1.32 -12.61 -5.39
CA TYR A 180 -0.05 -13.01 -5.70
C TYR A 180 -0.10 -13.57 -7.12
N PRO A 181 -0.41 -14.88 -7.24
CA PRO A 181 -0.49 -15.50 -8.56
C PRO A 181 -1.57 -14.83 -9.42
N GLN A 182 -1.19 -14.41 -10.61
CA GLN A 182 -2.03 -13.56 -11.45
C GLN A 182 -1.48 -13.55 -12.87
N GLY A 183 -2.34 -13.64 -13.87
CA GLY A 183 -1.90 -13.71 -15.25
C GLY A 183 -1.31 -12.39 -15.75
N LEU A 184 -0.47 -12.48 -16.77
CA LEU A 184 0.13 -11.29 -17.38
C LEU A 184 -0.95 -10.30 -17.87
N PRO A 185 -1.95 -10.77 -18.66
CA PRO A 185 -2.97 -9.80 -19.09
C PRO A 185 -3.68 -9.10 -17.92
N SER A 186 -3.98 -9.82 -16.84
CA SER A 186 -4.63 -9.21 -15.69
C SER A 186 -3.77 -8.13 -15.05
N MET A 187 -2.45 -8.35 -15.02
CA MET A 187 -1.53 -7.37 -14.47
C MET A 187 -1.43 -6.13 -15.35
N VAL A 188 -1.39 -6.32 -16.65
CA VAL A 188 -1.40 -5.22 -17.61
C VAL A 188 -2.64 -4.34 -17.40
N THR A 189 -3.77 -4.98 -17.12
CA THR A 189 -5.04 -4.28 -16.90
C THR A 189 -4.92 -3.18 -15.84
N ALA A 190 -4.41 -3.53 -14.65
CA ALA A 190 -4.28 -2.57 -13.57
C ALA A 190 -3.29 -1.45 -13.92
N ARG A 191 -2.22 -1.82 -14.61
CA ARG A 191 -1.25 -0.83 -15.09
C ARG A 191 -1.89 0.18 -16.05
N VAL A 192 -2.63 -0.35 -17.01
CA VAL A 192 -3.27 0.46 -18.05
C VAL A 192 -4.30 1.42 -17.46
N LEU A 193 -4.78 1.11 -16.25
CA LEU A 193 -5.69 2.00 -15.54
C LEU A 193 -4.98 3.25 -15.04
N GLU A 194 -3.67 3.11 -14.78
CA GLU A 194 -2.84 4.20 -14.25
C GLU A 194 -3.46 4.88 -13.04
N PRO A 195 -3.72 4.13 -11.96
CA PRO A 195 -4.35 4.76 -10.80
C PRO A 195 -3.45 5.79 -10.13
N LYS A 196 -4.04 6.89 -9.68
CA LYS A 196 -3.29 7.92 -8.96
C LYS A 196 -3.85 8.04 -7.55
N GLU A 197 -2.97 8.37 -6.60
CA GLU A 197 -3.35 8.50 -5.19
C GLU A 197 -4.53 9.47 -4.99
N ASP A 198 -4.70 10.40 -5.92
CA ASP A 198 -5.77 11.39 -5.85
C ASP A 198 -7.10 10.83 -6.36
N ASP A 199 -7.03 9.88 -7.28
CA ASP A 199 -8.22 9.40 -7.98
C ASP A 199 -9.25 8.79 -7.03
N VAL A 200 -10.51 9.11 -7.27
CA VAL A 200 -11.60 8.32 -6.72
C VAL A 200 -11.68 7.06 -7.59
N ILE A 201 -11.53 5.89 -6.96
CA ILE A 201 -11.33 4.65 -7.70
C ILE A 201 -12.35 3.58 -7.31
N ILE A 202 -12.96 2.96 -8.32
CA ILE A 202 -13.93 1.90 -8.07
C ILE A 202 -13.64 0.63 -8.87
N ASP A 203 -13.48 -0.47 -8.15
CA ASP A 203 -13.44 -1.81 -8.74
C ASP A 203 -14.81 -2.46 -8.50
N MET A 204 -15.64 -2.56 -9.53
CA MET A 204 -17.04 -2.91 -9.31
C MET A 204 -17.34 -4.40 -9.42
N ALA A 205 -16.32 -5.18 -9.74
CA ALA A 205 -16.41 -6.64 -9.67
C ALA A 205 -15.06 -7.13 -9.22
N ALA A 206 -14.79 -6.99 -7.92
CA ALA A 206 -13.41 -6.95 -7.44
C ALA A 206 -12.89 -8.25 -6.85
N ALA A 207 -13.78 -9.09 -6.32
CA ALA A 207 -13.33 -10.31 -5.63
C ALA A 207 -12.85 -11.37 -6.60
N PRO A 208 -11.83 -12.16 -6.21
CA PRO A 208 -11.16 -12.19 -4.90
C PRO A 208 -10.13 -11.08 -4.65
N GLY A 209 -9.98 -10.13 -5.57
CA GLY A 209 -9.18 -8.96 -5.30
C GLY A 209 -7.81 -8.93 -5.96
N GLY A 210 -7.65 -9.73 -7.00
CA GLY A 210 -6.41 -9.75 -7.77
C GLY A 210 -6.04 -8.37 -8.30
N LYS A 211 -6.95 -7.76 -9.05
CA LYS A 211 -6.66 -6.46 -9.64
C LYS A 211 -6.80 -5.35 -8.61
N THR A 212 -7.65 -5.55 -7.62
CA THR A 212 -7.80 -4.54 -6.58
C THR A 212 -6.51 -4.33 -5.79
N THR A 213 -5.90 -5.43 -5.37
CA THR A 213 -4.70 -5.37 -4.55
C THR A 213 -3.50 -4.88 -5.37
N HIS A 214 -3.53 -5.14 -6.67
CA HIS A 214 -2.50 -4.63 -7.56
C HIS A 214 -2.56 -3.10 -7.62
N ILE A 215 -3.78 -2.57 -7.73
CA ILE A 215 -3.98 -1.12 -7.67
C ILE A 215 -3.45 -0.55 -6.36
N ALA A 216 -3.70 -1.28 -5.28
CA ALA A 216 -3.27 -0.86 -3.95
C ALA A 216 -1.75 -0.71 -3.85
N GLN A 217 -1.00 -1.63 -4.46
CA GLN A 217 0.46 -1.55 -4.40
C GLN A 217 0.99 -0.50 -5.37
N LEU A 218 0.29 -0.28 -6.48
CA LEU A 218 0.64 0.82 -7.39
C LEU A 218 0.43 2.17 -6.71
N LEU A 219 -0.55 2.23 -5.83
CA LEU A 219 -0.83 3.43 -5.05
C LEU A 219 0.09 3.52 -3.84
N GLU A 220 0.82 2.43 -3.58
CA GLU A 220 1.70 2.29 -2.44
C GLU A 220 0.90 2.48 -1.16
N ASN A 221 -0.27 1.85 -1.13
CA ASN A 221 -1.18 1.87 0.01
C ASN A 221 -1.68 3.27 0.38
N LYS A 222 -1.56 4.22 -0.54
CA LYS A 222 -2.13 5.54 -0.34
C LYS A 222 -3.51 5.64 -1.00
N GLY A 223 -4.24 6.71 -0.70
CA GLY A 223 -5.56 6.91 -1.26
C GLY A 223 -6.60 5.93 -0.74
N GLU A 224 -7.63 5.70 -1.54
CA GLU A 224 -8.66 4.73 -1.18
C GLU A 224 -9.18 4.03 -2.44
N ILE A 225 -9.43 2.73 -2.32
CA ILE A 225 -10.03 1.96 -3.40
C ILE A 225 -11.35 1.39 -2.92
N ILE A 226 -12.41 1.65 -3.67
CA ILE A 226 -13.70 1.06 -3.37
C ILE A 226 -13.87 -0.21 -4.17
N ALA A 227 -14.06 -1.32 -3.48
CA ALA A 227 -14.13 -2.62 -4.13
C ALA A 227 -15.49 -3.28 -3.92
N ILE A 228 -16.16 -3.54 -5.03
CA ILE A 228 -17.52 -4.06 -5.01
C ILE A 228 -17.59 -5.51 -5.45
N ASP A 229 -18.39 -6.32 -4.75
CA ASP A 229 -18.74 -7.64 -5.25
C ASP A 229 -20.05 -8.10 -4.63
N LYS A 230 -20.79 -8.93 -5.36
CA LYS A 230 -22.08 -9.42 -4.89
C LYS A 230 -21.93 -10.64 -3.98
N SER A 231 -20.84 -11.38 -4.15
CA SER A 231 -20.64 -12.64 -3.44
C SER A 231 -19.97 -12.40 -2.09
N LYS A 232 -20.62 -12.83 -1.02
CA LYS A 232 -20.09 -12.63 0.33
C LYS A 232 -18.89 -13.54 0.58
N ASN A 233 -18.96 -14.76 0.04
CA ASN A 233 -17.87 -15.72 0.18
C ASN A 233 -16.61 -15.27 -0.54
N ARG A 234 -16.77 -14.84 -1.79
CA ARG A 234 -15.65 -14.31 -2.55
C ARG A 234 -15.10 -13.03 -1.91
N LEU A 235 -15.99 -12.26 -1.30
CA LEU A 235 -15.56 -11.10 -0.52
C LEU A 235 -14.82 -11.54 0.75
N ARG A 236 -15.26 -12.64 1.34
CA ARG A 236 -14.57 -13.21 2.50
C ARG A 236 -13.15 -13.64 2.13
N LYS A 237 -13.00 -14.27 0.97
CA LYS A 237 -11.68 -14.62 0.47
C LYS A 237 -10.86 -13.37 0.21
N MET A 238 -11.52 -12.32 -0.27
CA MET A 238 -10.86 -11.06 -0.57
C MET A 238 -10.33 -10.40 0.69
N GLU A 239 -11.07 -10.51 1.78
CA GLU A 239 -10.64 -10.00 3.08
C GLU A 239 -9.34 -10.67 3.53
N GLU A 240 -9.26 -11.98 3.33
CA GLU A 240 -8.06 -12.74 3.69
C GLU A 240 -6.88 -12.34 2.81
N ASN A 241 -7.15 -12.17 1.52
CA ASN A 241 -6.12 -11.73 0.58
C ASN A 241 -5.56 -10.36 0.93
N ILE A 242 -6.45 -9.46 1.34
CA ILE A 242 -6.06 -8.11 1.72
C ILE A 242 -5.14 -8.13 2.94
N LYS A 243 -5.54 -8.89 3.95
CA LYS A 243 -4.76 -9.01 5.18
C LYS A 243 -3.38 -9.61 4.93
N ARG A 244 -3.34 -10.67 4.13
CA ARG A 244 -2.10 -11.39 3.86
C ARG A 244 -1.13 -10.52 3.06
N LEU A 245 -1.65 -9.76 2.11
CA LEU A 245 -0.82 -8.92 1.26
C LEU A 245 -0.45 -7.61 1.93
N GLY A 246 -1.05 -7.33 3.08
CA GLY A 246 -0.78 -6.09 3.79
C GLY A 246 -1.42 -4.88 3.16
N VAL A 247 -2.56 -5.08 2.49
CA VAL A 247 -3.27 -4.00 1.83
C VAL A 247 -4.12 -3.21 2.83
N LYS A 248 -3.88 -1.90 2.91
CA LYS A 248 -4.59 -1.04 3.86
C LYS A 248 -5.37 0.01 3.09
N ASN A 249 -5.56 -0.25 1.80
CA ASN A 249 -5.95 0.78 0.85
C ASN A 249 -7.41 0.65 0.39
N VAL A 250 -8.06 -0.43 0.83
CA VAL A 250 -9.29 -0.87 0.17
C VAL A 250 -10.50 -0.85 1.09
N LYS A 251 -11.61 -0.32 0.58
CA LYS A 251 -12.91 -0.38 1.26
C LYS A 251 -13.83 -1.34 0.54
N LEU A 252 -14.22 -2.41 1.22
CA LEU A 252 -15.11 -3.41 0.65
C LEU A 252 -16.58 -3.04 0.85
N VAL A 253 -17.35 -3.12 -0.22
CA VAL A 253 -18.79 -2.97 -0.14
C VAL A 253 -19.47 -4.11 -0.91
N GLN A 254 -20.38 -4.79 -0.23
CA GLN A 254 -21.16 -5.85 -0.84
C GLN A 254 -22.47 -5.30 -1.43
N MET A 255 -22.69 -5.58 -2.72
CA MET A 255 -23.86 -5.03 -3.43
C MET A 255 -23.88 -5.49 -4.88
N ASP A 256 -25.05 -5.35 -5.51
CA ASP A 256 -25.19 -5.53 -6.95
C ASP A 256 -24.59 -4.33 -7.65
N ALA A 257 -23.48 -4.54 -8.35
CA ALA A 257 -22.73 -3.45 -8.97
C ALA A 257 -23.52 -2.71 -10.06
N ARG A 258 -24.56 -3.37 -10.56
CA ARG A 258 -25.41 -2.77 -11.58
C ARG A 258 -26.21 -1.59 -11.02
N LYS A 259 -26.32 -1.53 -9.70
CA LYS A 259 -26.98 -0.43 -9.03
C LYS A 259 -25.98 0.60 -8.51
N LEU A 260 -24.74 0.54 -8.98
CA LEU A 260 -23.68 1.45 -8.51
C LEU A 260 -24.06 2.94 -8.38
N PRO A 261 -24.76 3.52 -9.37
CA PRO A 261 -25.11 4.93 -9.20
C PRO A 261 -25.94 5.25 -7.95
N ASP A 262 -26.42 4.24 -7.24
CA ASP A 262 -27.16 4.45 -6.00
C ASP A 262 -26.28 5.07 -4.93
N LEU A 263 -24.97 4.85 -5.02
CA LEU A 263 -24.03 5.61 -4.19
C LEU A 263 -24.02 7.06 -4.70
N GLY A 264 -23.32 7.95 -4.02
CA GLY A 264 -23.34 9.33 -4.47
C GLY A 264 -22.06 9.70 -5.18
N ILE A 265 -21.29 8.66 -5.51
CA ILE A 265 -19.93 8.82 -5.98
C ILE A 265 -19.81 9.05 -7.49
N LYS A 266 -19.00 10.03 -7.87
CA LYS A 266 -18.57 10.19 -9.25
C LYS A 266 -17.08 9.88 -9.32
N ALA A 267 -16.73 8.71 -9.85
CA ALA A 267 -15.35 8.26 -9.83
C ALA A 267 -14.51 8.85 -10.96
N ASP A 268 -13.22 9.00 -10.69
CA ASP A 268 -12.25 9.37 -11.70
C ASP A 268 -11.80 8.14 -12.49
N LYS A 269 -11.72 7.02 -11.79
CA LYS A 269 -11.25 5.78 -12.40
C LYS A 269 -12.15 4.63 -12.01
N ILE A 270 -12.61 3.89 -13.02
CA ILE A 270 -13.38 2.69 -12.75
C ILE A 270 -12.77 1.50 -13.47
N LEU A 271 -12.53 0.43 -12.71
CA LEU A 271 -12.17 -0.84 -13.30
C LEU A 271 -13.37 -1.78 -13.37
N LEU A 272 -13.64 -2.29 -14.55
CA LEU A 272 -14.71 -3.26 -14.73
C LEU A 272 -14.12 -4.56 -15.29
N ASP A 273 -13.65 -5.41 -14.38
CA ASP A 273 -13.17 -6.73 -14.76
C ASP A 273 -14.37 -7.65 -14.68
N ALA A 274 -15.12 -7.70 -15.78
CA ALA A 274 -16.52 -8.13 -15.74
C ALA A 274 -16.68 -9.63 -15.71
N PRO A 275 -17.72 -10.12 -15.01
CA PRO A 275 -18.14 -11.51 -15.13
C PRO A 275 -18.36 -11.84 -16.60
N CYS A 276 -17.87 -12.99 -17.04
CA CYS A 276 -17.89 -13.30 -18.46
C CYS A 276 -17.96 -14.81 -18.66
N THR A 277 -18.12 -15.22 -19.92
CA THR A 277 -18.22 -16.64 -20.26
C THR A 277 -16.90 -17.39 -20.00
N ALA A 278 -15.82 -16.62 -19.78
CA ALA A 278 -14.51 -17.18 -19.44
C ALA A 278 -13.97 -18.15 -20.50
N LEU A 279 -14.28 -17.86 -21.77
CA LEU A 279 -13.86 -18.72 -22.86
C LEU A 279 -12.34 -18.76 -23.02
N GLY A 280 -11.64 -17.81 -22.42
CA GLY A 280 -10.20 -17.70 -22.56
C GLY A 280 -9.38 -18.38 -21.48
N VAL A 281 -10.04 -18.90 -20.45
CA VAL A 281 -9.31 -19.41 -19.29
C VAL A 281 -8.64 -20.74 -19.61
N ARG A 282 -7.49 -20.97 -18.99
CA ARG A 282 -6.71 -22.17 -19.23
C ARG A 282 -6.37 -22.82 -17.89
N PRO A 283 -6.27 -24.17 -17.86
CA PRO A 283 -6.52 -25.06 -19.00
C PRO A 283 -8.02 -25.29 -19.20
N LYS A 284 -8.40 -25.59 -20.43
CA LYS A 284 -9.79 -25.85 -20.76
C LYS A 284 -9.96 -27.32 -21.11
N LEU A 285 -10.19 -28.16 -20.11
CA LEU A 285 -10.38 -29.59 -20.30
C LEU A 285 -11.65 -29.84 -21.12
N TRP A 286 -12.77 -29.27 -20.68
CA TRP A 286 -14.02 -29.35 -21.42
C TRP A 286 -14.76 -28.04 -21.32
N GLU A 287 -15.03 -27.42 -22.46
CA GLU A 287 -15.76 -26.16 -22.48
C GLU A 287 -17.26 -26.42 -22.39
N GLU A 288 -17.89 -25.90 -21.33
CA GLU A 288 -19.32 -26.13 -21.13
C GLU A 288 -20.20 -24.99 -21.64
N ARG A 289 -19.66 -23.78 -21.64
CA ARG A 289 -20.44 -22.62 -22.06
C ARG A 289 -20.46 -22.51 -23.57
N THR A 290 -21.57 -22.01 -24.11
CA THR A 290 -21.76 -21.94 -25.55
C THR A 290 -22.47 -20.64 -25.96
N LEU A 291 -23.01 -20.62 -27.18
CA LEU A 291 -23.50 -19.40 -27.80
C LEU A 291 -24.58 -18.69 -26.99
N LYS A 292 -25.56 -19.45 -26.51
CA LYS A 292 -26.61 -18.88 -25.66
C LYS A 292 -26.03 -18.12 -24.46
N HIS A 293 -24.91 -18.61 -23.94
CA HIS A 293 -24.24 -17.97 -22.80
C HIS A 293 -23.54 -16.66 -23.18
N ILE A 294 -23.03 -16.60 -24.41
CA ILE A 294 -22.34 -15.41 -24.88
C ILE A 294 -23.30 -14.23 -24.97
N GLU A 295 -24.45 -14.46 -25.61
CA GLU A 295 -25.45 -13.42 -25.76
C GLU A 295 -25.99 -12.97 -24.40
N ALA A 296 -26.36 -13.93 -23.57
CA ALA A 296 -26.92 -13.62 -22.25
C ALA A 296 -25.92 -12.84 -21.40
N THR A 297 -24.68 -13.31 -21.37
CA THR A 297 -23.65 -12.69 -20.55
C THR A 297 -23.27 -11.30 -21.07
N ALA A 298 -23.19 -11.15 -22.39
CA ALA A 298 -22.91 -9.86 -22.99
C ALA A 298 -23.98 -8.85 -22.59
N ARG A 299 -25.23 -9.29 -22.60
CA ARG A 299 -26.35 -8.43 -22.22
C ARG A 299 -26.24 -8.09 -20.74
N TYR A 300 -25.80 -9.06 -19.96
CA TYR A 300 -25.62 -8.88 -18.52
C TYR A 300 -24.53 -7.85 -18.22
N GLN A 301 -23.48 -7.83 -19.04
CA GLN A 301 -22.36 -6.91 -18.83
C GLN A 301 -22.73 -5.46 -19.12
N ARG A 302 -23.65 -5.25 -20.06
CA ARG A 302 -24.08 -3.92 -20.44
C ARG A 302 -24.68 -3.16 -19.26
N ALA A 303 -25.35 -3.89 -18.37
CA ALA A 303 -25.89 -3.29 -17.17
C ALA A 303 -24.77 -2.70 -16.30
N PHE A 304 -23.68 -3.44 -16.14
CA PHE A 304 -22.49 -2.95 -15.43
C PHE A 304 -21.90 -1.72 -16.09
N ILE A 305 -21.72 -1.82 -17.40
CA ILE A 305 -21.08 -0.80 -18.20
C ILE A 305 -21.83 0.52 -18.10
N TRP A 306 -23.15 0.46 -18.29
CA TRP A 306 -24.00 1.63 -18.18
C TRP A 306 -23.90 2.23 -16.79
N ALA A 307 -23.93 1.37 -15.77
CA ALA A 307 -23.80 1.82 -14.39
C ALA A 307 -22.45 2.52 -14.16
N ALA A 308 -21.40 2.01 -14.82
CA ALA A 308 -20.07 2.58 -14.69
C ALA A 308 -19.99 3.95 -15.36
N ILE A 309 -20.51 4.02 -16.59
CA ILE A 309 -20.53 5.25 -17.36
C ILE A 309 -21.24 6.37 -16.60
N LYS A 310 -22.39 6.06 -16.01
CA LYS A 310 -23.16 7.05 -15.28
C LYS A 310 -22.48 7.46 -13.97
N SER A 311 -21.58 6.61 -13.47
CA SER A 311 -20.89 6.90 -12.22
C SER A 311 -19.51 7.49 -12.47
N LEU A 312 -19.16 7.72 -13.72
CA LEU A 312 -17.87 8.32 -14.05
C LEU A 312 -18.00 9.82 -14.19
N ARG A 313 -17.06 10.55 -13.62
CA ARG A 313 -16.97 11.97 -13.91
C ARG A 313 -16.63 12.13 -15.38
N ARG A 314 -17.07 13.24 -15.97
CA ARG A 314 -16.58 13.62 -17.28
C ARG A 314 -15.07 13.74 -17.18
N GLY A 315 -14.36 13.31 -18.22
CA GLY A 315 -12.91 13.22 -18.17
C GLY A 315 -12.44 11.97 -17.43
N GLY A 316 -13.39 11.20 -16.90
CA GLY A 316 -13.06 9.99 -16.17
C GLY A 316 -12.67 8.84 -17.08
N VAL A 317 -12.05 7.83 -16.47
CA VAL A 317 -11.52 6.71 -17.25
C VAL A 317 -12.13 5.38 -16.80
N LEU A 318 -12.57 4.59 -17.79
CA LEU A 318 -13.04 3.25 -17.52
C LEU A 318 -12.12 2.23 -18.18
N VAL A 319 -11.70 1.24 -17.41
CA VAL A 319 -11.01 0.09 -17.98
C VAL A 319 -11.92 -1.12 -17.88
N TYR A 320 -12.23 -1.68 -19.05
CA TYR A 320 -13.06 -2.86 -19.16
C TYR A 320 -12.21 -4.05 -19.57
N SER A 321 -12.32 -5.15 -18.82
CA SER A 321 -11.57 -6.34 -19.17
C SER A 321 -12.41 -7.61 -18.97
N THR A 322 -12.13 -8.60 -19.82
CA THR A 322 -12.72 -9.93 -19.66
C THR A 322 -11.66 -11.00 -19.91
N CYS A 323 -11.91 -12.20 -19.40
CA CYS A 323 -11.11 -13.36 -19.74
C CYS A 323 -11.88 -14.24 -20.73
N THR A 324 -12.46 -13.61 -21.75
CA THR A 324 -13.22 -14.34 -22.75
C THR A 324 -12.84 -13.90 -24.14
N LEU A 325 -13.13 -14.74 -25.13
CA LEU A 325 -12.74 -14.48 -26.51
C LEU A 325 -13.84 -13.89 -27.37
N SER A 326 -15.09 -13.97 -26.91
CA SER A 326 -16.24 -13.64 -27.76
C SER A 326 -16.21 -12.20 -28.24
N TYR A 327 -16.76 -11.98 -29.43
CA TYR A 327 -16.89 -10.62 -29.95
C TYR A 327 -17.90 -9.82 -29.14
N GLU A 328 -19.07 -10.43 -28.91
CA GLU A 328 -20.20 -9.73 -28.29
C GLU A 328 -19.86 -9.17 -26.90
N GLU A 329 -19.11 -9.93 -26.10
CA GLU A 329 -18.77 -9.49 -24.75
C GLU A 329 -17.63 -8.48 -24.77
N ASN A 330 -16.98 -8.35 -25.91
CA ASN A 330 -15.77 -7.54 -25.99
C ASN A 330 -15.93 -6.32 -26.91
N GLU A 331 -15.52 -6.46 -28.16
CA GLU A 331 -15.62 -5.36 -29.12
C GLU A 331 -17.07 -4.89 -29.25
N GLY A 332 -18.01 -5.83 -29.22
CA GLY A 332 -19.42 -5.50 -29.30
C GLY A 332 -19.88 -4.60 -28.17
N ASN A 333 -19.43 -4.89 -26.96
CA ASN A 333 -19.80 -4.08 -25.80
C ASN A 333 -19.03 -2.78 -25.71
N VAL A 334 -17.90 -2.70 -26.41
CA VAL A 334 -17.19 -1.43 -26.45
C VAL A 334 -17.91 -0.45 -27.39
N LYS A 335 -18.40 -0.95 -28.52
CA LYS A 335 -19.23 -0.14 -29.41
C LYS A 335 -20.41 0.47 -28.67
N PHE A 336 -21.04 -0.32 -27.82
CA PHE A 336 -22.07 0.16 -26.91
C PHE A 336 -21.58 1.38 -26.11
N MET A 337 -20.38 1.28 -25.54
CA MET A 337 -19.81 2.36 -24.75
C MET A 337 -19.55 3.60 -25.60
N ILE A 338 -19.13 3.38 -26.84
CA ILE A 338 -18.85 4.47 -27.75
C ILE A 338 -20.16 5.22 -28.08
N ARG A 339 -21.28 4.49 -28.13
CA ARG A 339 -22.58 5.12 -28.34
C ARG A 339 -23.08 5.89 -27.10
N LYS A 340 -22.48 5.59 -25.95
CA LYS A 340 -22.88 6.22 -24.69
C LYS A 340 -21.91 7.31 -24.19
N GLY A 341 -21.18 7.94 -25.11
CA GLY A 341 -20.34 9.07 -24.76
C GLY A 341 -18.95 8.73 -24.24
N MET A 342 -18.49 7.52 -24.52
CA MET A 342 -17.13 7.12 -24.15
C MET A 342 -16.23 7.09 -25.38
N LYS A 343 -14.95 7.38 -25.18
CA LYS A 343 -13.97 7.42 -26.27
C LYS A 343 -12.77 6.51 -26.03
N LEU A 344 -12.36 5.78 -27.06
CA LEU A 344 -11.20 4.90 -26.96
C LEU A 344 -9.91 5.68 -26.73
N GLU A 345 -9.06 5.16 -25.85
CA GLU A 345 -7.77 5.78 -25.56
C GLU A 345 -6.65 4.75 -25.64
N GLU A 346 -5.49 5.21 -26.10
CA GLU A 346 -4.29 4.39 -26.17
C GLU A 346 -3.94 3.83 -24.79
N GLN A 347 -3.62 2.54 -24.74
CA GLN A 347 -3.22 1.92 -23.49
C GLN A 347 -1.71 2.05 -23.31
N SER A 348 -1.27 2.23 -22.08
CA SER A 348 0.12 2.57 -21.79
C SER A 348 1.05 1.41 -22.08
N ILE A 349 0.54 0.19 -21.89
CA ILE A 349 1.29 -1.00 -22.26
C ILE A 349 0.51 -1.79 -23.29
N PHE A 350 1.12 -2.01 -24.45
CA PHE A 350 0.48 -2.79 -25.49
C PHE A 350 1.43 -3.85 -26.01
N ILE A 351 1.26 -5.07 -25.52
CA ILE A 351 2.10 -6.18 -25.95
C ILE A 351 1.26 -7.33 -26.50
N GLY A 352 -0.06 -7.14 -26.52
CA GLY A 352 -0.95 -8.16 -27.05
C GLY A 352 -1.21 -7.97 -28.52
N SER A 353 -2.44 -8.24 -28.94
CA SER A 353 -2.86 -8.06 -30.32
C SER A 353 -3.92 -6.98 -30.42
N PRO A 354 -4.11 -6.42 -31.63
CA PRO A 354 -5.25 -5.53 -31.85
C PRO A 354 -6.58 -6.29 -31.69
N GLY A 355 -7.66 -5.56 -31.44
CA GLY A 355 -8.97 -6.16 -31.34
C GLY A 355 -9.52 -6.51 -32.71
N ILE A 356 -10.70 -7.10 -32.75
CA ILE A 356 -11.33 -7.46 -34.01
C ILE A 356 -11.95 -6.23 -34.68
N GLY A 357 -11.34 -5.79 -35.77
CA GLY A 357 -11.82 -4.63 -36.52
C GLY A 357 -11.91 -3.40 -35.65
N MET A 358 -10.89 -3.22 -34.81
CA MET A 358 -10.96 -2.20 -33.78
C MET A 358 -9.57 -1.92 -33.19
N ASN A 359 -9.21 -0.64 -33.10
CA ASN A 359 -7.80 -0.25 -33.09
C ASN A 359 -7.08 -0.13 -31.75
N LYS A 360 -7.72 0.44 -30.73
CA LYS A 360 -6.97 0.76 -29.52
C LYS A 360 -7.19 -0.23 -28.37
N VAL A 361 -8.09 -1.19 -28.55
CA VAL A 361 -8.27 -2.23 -27.55
C VAL A 361 -7.22 -3.31 -27.70
N GLN A 362 -6.98 -4.06 -26.63
CA GLN A 362 -5.88 -5.00 -26.61
C GLN A 362 -6.36 -6.42 -26.30
N ARG A 363 -6.06 -7.34 -27.21
CA ARG A 363 -6.44 -8.74 -27.03
C ARG A 363 -5.22 -9.61 -26.77
N PHE A 364 -5.43 -10.65 -25.97
CA PHE A 364 -4.41 -11.66 -25.73
C PHE A 364 -4.92 -13.00 -26.22
N TYR A 365 -4.05 -13.75 -26.88
CA TYR A 365 -4.37 -15.07 -27.40
C TYR A 365 -3.40 -16.10 -26.84
N PRO A 366 -3.88 -17.31 -26.54
CA PRO A 366 -3.02 -18.34 -25.96
C PRO A 366 -1.87 -18.78 -26.88
N HIS A 367 -2.13 -18.86 -28.19
CA HIS A 367 -1.11 -19.34 -29.12
C HIS A 367 -0.12 -18.24 -29.49
N LYS A 368 -0.52 -16.98 -29.36
CA LYS A 368 0.38 -15.87 -29.68
C LYS A 368 1.17 -15.36 -28.48
N HIS A 369 0.53 -15.30 -27.31
CA HIS A 369 1.16 -14.63 -26.16
C HIS A 369 1.41 -15.52 -24.97
N LEU A 370 1.03 -16.80 -25.08
CA LEU A 370 1.33 -17.80 -24.06
C LEU A 370 0.54 -17.53 -22.79
N THR A 371 -0.57 -16.83 -22.95
CA THR A 371 -1.42 -16.41 -21.82
C THR A 371 -2.82 -16.99 -21.97
N GLN A 372 -3.69 -16.70 -21.01
CA GLN A 372 -5.11 -16.93 -21.19
C GLN A 372 -5.65 -16.00 -22.27
N GLY A 373 -6.75 -16.40 -22.89
CA GLY A 373 -7.46 -15.50 -23.79
C GLY A 373 -7.99 -14.35 -22.96
N PHE A 374 -7.86 -13.13 -23.48
CA PHE A 374 -8.14 -11.96 -22.66
C PHE A 374 -8.47 -10.75 -23.51
N PHE A 375 -9.06 -9.75 -22.88
CA PHE A 375 -9.48 -8.55 -23.59
C PHE A 375 -9.40 -7.34 -22.67
N ILE A 376 -8.86 -6.24 -23.18
CA ILE A 376 -8.73 -5.01 -22.40
C ILE A 376 -9.12 -3.79 -23.22
N ALA A 377 -10.06 -3.00 -22.70
CA ALA A 377 -10.43 -1.74 -23.32
C ALA A 377 -10.26 -0.59 -22.34
N LYS A 378 -9.68 0.51 -22.80
CA LYS A 378 -9.51 1.69 -21.97
C LYS A 378 -10.25 2.87 -22.56
N LEU A 379 -11.17 3.45 -21.79
CA LEU A 379 -12.01 4.53 -22.32
C LEU A 379 -12.02 5.79 -21.47
N ARG A 380 -12.25 6.91 -22.17
CA ARG A 380 -12.37 8.21 -21.55
C ARG A 380 -13.79 8.74 -21.76
N LYS A 381 -14.44 9.15 -20.67
CA LYS A 381 -15.80 9.70 -20.75
C LYS A 381 -15.78 11.16 -21.19
N VAL A 382 -16.12 11.39 -22.46
CA VAL A 382 -16.04 12.74 -23.00
C VAL A 382 -17.28 13.58 -22.70
N LYS A 383 -18.41 12.91 -22.47
CA LYS A 383 -19.67 13.60 -22.14
C LYS A 383 -20.69 12.62 -21.55
N ASP A 384 -21.79 13.17 -21.02
CA ASP A 384 -22.84 12.34 -20.44
C ASP A 384 -23.90 11.97 -21.48
N TYR B 1 -9.87 17.21 28.64
CA TYR B 1 -8.77 16.74 27.79
C TYR B 1 -8.37 15.32 28.14
N LEU B 2 -8.57 14.94 29.40
CA LEU B 2 -8.19 13.61 29.88
C LEU B 2 -8.81 12.50 29.03
N GLU B 3 -9.99 12.77 28.48
CA GLU B 3 -10.73 11.79 27.69
C GLU B 3 -9.98 11.37 26.43
N ALA B 4 -9.12 12.26 25.93
CA ALA B 4 -8.38 12.01 24.71
C ALA B 4 -7.37 10.89 24.87
N PHE B 5 -7.11 10.52 26.12
CA PHE B 5 -6.09 9.51 26.42
C PHE B 5 -6.74 8.33 27.10
N PRO B 6 -6.47 7.11 26.59
CA PRO B 6 -7.04 5.90 27.21
C PRO B 6 -6.64 5.80 28.68
N LYS B 7 -7.49 5.14 29.46
CA LYS B 7 -7.37 5.12 30.92
C LYS B 7 -6.05 4.53 31.39
N GLU B 8 -5.65 3.42 30.79
CA GLU B 8 -4.42 2.74 31.17
C GLU B 8 -3.19 3.58 30.85
N LEU B 9 -3.24 4.34 29.76
CA LEU B 9 -2.16 5.25 29.43
C LEU B 9 -2.07 6.39 30.44
N ARG B 10 -3.22 6.93 30.83
CA ARG B 10 -3.27 8.00 31.82
C ARG B 10 -2.63 7.58 33.13
N GLU B 11 -2.98 6.38 33.59
CA GLU B 11 -2.40 5.82 34.80
C GLU B 11 -0.89 5.62 34.64
N TYR B 12 -0.48 5.24 33.44
CA TYR B 12 0.94 5.08 33.14
C TYR B 12 1.69 6.40 33.31
N TYR B 13 1.15 7.47 32.72
CA TYR B 13 1.74 8.80 32.84
C TYR B 13 1.83 9.26 34.29
N LYS B 14 0.75 9.07 35.05
CA LYS B 14 0.70 9.47 36.45
C LYS B 14 1.80 8.78 37.26
N ASN B 15 1.98 7.49 37.01
CA ASN B 15 3.03 6.73 37.68
C ASN B 15 4.42 7.20 37.26
N LEU B 16 4.55 7.60 36.00
CA LEU B 16 5.86 7.89 35.42
C LEU B 16 6.32 9.33 35.64
N PHE B 17 5.39 10.27 35.66
CA PHE B 17 5.76 11.68 35.78
C PHE B 17 5.27 12.32 37.07
N GLY B 18 4.34 11.65 37.74
CA GLY B 18 3.67 12.27 38.87
C GLY B 18 2.34 12.84 38.40
N LYS B 19 1.35 12.79 39.29
CA LYS B 19 -0.01 13.17 38.94
C LYS B 19 -0.09 14.59 38.37
N GLU B 20 0.59 15.55 39.02
CA GLU B 20 0.54 16.94 38.56
C GLU B 20 1.11 17.12 37.17
N GLU B 21 2.34 16.66 36.97
CA GLU B 21 3.02 16.78 35.68
C GLU B 21 2.28 16.02 34.58
N ALA B 22 1.75 14.85 34.93
CA ALA B 22 1.00 14.05 33.97
C ALA B 22 -0.21 14.81 33.43
N ASN B 23 -0.91 15.52 34.31
CA ASN B 23 -2.08 16.29 33.90
C ASN B 23 -1.69 17.47 33.04
N LYS B 24 -0.57 18.11 33.38
CA LYS B 24 -0.06 19.23 32.60
C LYS B 24 0.41 18.76 31.24
N ILE B 25 0.99 17.57 31.18
CA ILE B 25 1.52 17.05 29.93
C ILE B 25 0.40 16.70 28.97
N MET B 26 -0.60 15.97 29.47
CA MET B 26 -1.72 15.56 28.65
C MET B 26 -2.54 16.75 28.17
N LYS B 27 -2.72 17.73 29.04
CA LYS B 27 -3.44 18.96 28.66
C LYS B 27 -2.75 19.65 27.49
N LYS B 28 -1.44 19.83 27.57
CA LYS B 28 -0.70 20.55 26.55
C LYS B 28 -0.55 19.76 25.25
N LEU B 29 -0.48 18.42 25.37
CA LEU B 29 -0.36 17.55 24.19
C LEU B 29 -1.53 17.72 23.23
N ARG B 30 -2.68 18.13 23.76
CA ARG B 30 -3.87 18.30 22.95
C ARG B 30 -3.78 19.54 22.07
N GLU B 31 -2.83 20.41 22.38
CA GLU B 31 -2.69 21.68 21.68
C GLU B 31 -1.46 21.67 20.76
N PRO B 32 -1.49 22.48 19.69
CA PRO B 32 -0.30 22.62 18.84
C PRO B 32 0.84 23.27 19.61
N VAL B 33 2.06 23.14 19.13
CA VAL B 33 3.20 23.75 19.81
C VAL B 33 2.99 25.26 19.91
N GLU B 34 3.40 25.83 21.04
CA GLU B 34 3.24 27.26 21.26
C GLU B 34 4.23 28.02 20.38
N HIS B 35 5.40 27.41 20.19
CA HIS B 35 6.43 27.98 19.33
C HIS B 35 6.64 27.08 18.12
N TYR B 36 6.24 27.57 16.95
CA TYR B 36 6.31 26.79 15.73
C TYR B 36 7.63 27.05 15.01
N TYR B 37 8.52 26.07 15.05
CA TYR B 37 9.90 26.25 14.59
C TYR B 37 10.10 25.87 13.13
N ILE B 38 11.04 26.56 12.50
CA ILE B 38 11.53 26.20 11.16
C ILE B 38 13.05 26.23 11.19
N ARG B 39 13.68 25.44 10.32
CA ARG B 39 15.12 25.47 10.20
C ARG B 39 15.53 26.29 9.00
N VAL B 40 16.42 27.26 9.20
CA VAL B 40 16.98 28.00 8.08
C VAL B 40 17.94 27.13 7.29
N ASN B 41 17.68 26.99 5.99
CA ASN B 41 18.58 26.23 5.14
C ASN B 41 19.79 27.07 4.75
N THR B 42 20.83 27.02 5.58
CA THR B 42 22.04 27.79 5.36
C THR B 42 22.81 27.35 4.10
N LEU B 43 22.31 26.32 3.41
CA LEU B 43 22.86 25.94 2.12
C LEU B 43 22.47 26.95 1.05
N LYS B 44 21.34 27.61 1.25
CA LYS B 44 20.79 28.54 0.26
C LYS B 44 20.67 29.97 0.73
N ILE B 45 20.54 30.17 2.04
CA ILE B 45 20.26 31.50 2.56
C ILE B 45 20.72 31.64 4.00
N SER B 46 20.96 32.87 4.44
CA SER B 46 21.30 33.14 5.82
C SER B 46 20.02 33.39 6.61
N ARG B 47 20.12 33.32 7.93
CA ARG B 47 18.97 33.54 8.80
C ARG B 47 18.35 34.93 8.61
N GLU B 48 19.19 35.97 8.63
CA GLU B 48 18.67 37.33 8.60
C GLU B 48 18.01 37.65 7.25
N LYS B 49 18.61 37.19 6.15
CA LYS B 49 18.00 37.37 4.84
C LYS B 49 16.63 36.70 4.80
N LEU B 50 16.55 35.47 5.31
CA LEU B 50 15.29 34.73 5.34
C LEU B 50 14.24 35.48 6.14
N ILE B 51 14.64 36.01 7.29
CA ILE B 51 13.74 36.83 8.11
C ILE B 51 13.13 37.97 7.30
N GLY B 52 13.97 38.70 6.57
CA GLY B 52 13.51 39.74 5.68
C GLY B 52 12.46 39.25 4.70
N GLU B 53 12.69 38.06 4.16
CA GLU B 53 11.79 37.47 3.17
C GLU B 53 10.44 37.12 3.79
N LEU B 54 10.46 36.59 5.00
CA LEU B 54 9.24 36.19 5.69
C LEU B 54 8.48 37.41 6.21
N LYS B 55 9.21 38.44 6.59
CA LYS B 55 8.59 39.68 7.03
C LYS B 55 7.87 40.36 5.87
N LYS B 56 8.46 40.28 4.68
CA LYS B 56 7.83 40.75 3.46
C LYS B 56 6.43 40.15 3.29
N GLU B 57 6.30 38.89 3.69
CA GLU B 57 5.04 38.16 3.53
C GLU B 57 4.11 38.37 4.72
N GLY B 58 4.47 39.29 5.61
CA GLY B 58 3.63 39.62 6.75
C GLY B 58 3.81 38.73 7.97
N LEU B 59 4.81 37.85 7.93
CA LEU B 59 5.04 36.90 9.02
C LEU B 59 5.89 37.51 10.12
N LYS B 60 5.80 36.94 11.31
CA LYS B 60 6.55 37.46 12.46
C LYS B 60 7.53 36.45 13.02
N PRO B 61 8.58 36.14 12.24
CA PRO B 61 9.55 35.14 12.72
C PRO B 61 10.39 35.68 13.87
N LEU B 62 10.71 34.82 14.83
CA LEU B 62 11.58 35.20 15.92
C LEU B 62 12.82 34.33 15.96
N ARG B 63 13.92 34.90 16.45
CA ARG B 63 15.21 34.22 16.45
C ARG B 63 15.39 33.34 17.68
N SER B 64 16.05 32.21 17.51
CA SER B 64 16.46 31.39 18.65
C SER B 64 17.87 31.81 19.10
N PRO B 65 18.06 32.01 20.41
CA PRO B 65 19.38 32.35 20.95
C PRO B 65 20.29 31.13 21.11
N TYR B 66 19.72 29.93 20.94
CA TYR B 66 20.46 28.70 21.09
C TYR B 66 20.81 28.06 19.75
N LEU B 67 19.93 28.21 18.77
CA LEU B 67 20.16 27.66 17.43
C LEU B 67 20.23 28.76 16.38
N PRO B 68 21.45 29.08 15.91
CA PRO B 68 21.63 30.08 14.86
C PRO B 68 20.85 29.78 13.58
N GLU B 69 20.45 28.53 13.38
CA GLU B 69 19.62 28.19 12.22
C GLU B 69 18.14 28.09 12.60
N GLY B 70 17.82 28.49 13.82
CA GLY B 70 16.45 28.38 14.31
C GLY B 70 15.62 29.66 14.20
N LEU B 71 14.42 29.51 13.66
CA LEU B 71 13.40 30.57 13.67
C LEU B 71 12.09 29.96 14.12
N TYR B 72 11.30 30.72 14.87
CA TYR B 72 10.00 30.20 15.26
C TYR B 72 8.93 31.28 15.17
N PHE B 73 7.68 30.84 15.01
CA PHE B 73 6.53 31.71 14.97
C PHE B 73 5.66 31.41 16.17
N VAL B 74 5.13 32.44 16.80
CA VAL B 74 4.31 32.27 17.99
C VAL B 74 2.90 31.83 17.61
N ARG B 75 2.38 30.84 18.35
CA ARG B 75 1.06 30.30 18.09
C ARG B 75 -0.04 31.24 18.59
N GLU B 76 -1.17 31.24 17.88
CA GLU B 76 -2.34 32.02 18.29
C GLU B 76 -3.46 31.08 18.75
N GLY B 77 -4.10 31.44 19.86
CA GLY B 77 -5.18 30.64 20.39
C GLY B 77 -4.95 30.26 21.84
N PRO B 78 -5.92 29.59 22.47
CA PRO B 78 -7.17 29.12 21.83
C PRO B 78 -8.16 30.26 21.59
N ASN B 79 -8.77 30.28 20.41
CA ASN B 79 -9.68 31.36 20.02
C ASN B 79 -11.10 31.19 20.57
N PHE B 80 -11.38 30.03 21.16
CA PHE B 80 -12.64 29.87 21.88
C PHE B 80 -12.52 28.82 22.98
N SER B 81 -13.47 28.84 23.90
CA SER B 81 -13.44 27.96 25.06
C SER B 81 -13.68 26.51 24.65
N ASP B 82 -13.23 25.60 25.51
CA ASP B 82 -13.34 24.17 25.22
C ASP B 82 -14.79 23.69 25.26
N ASP B 83 -15.63 24.42 25.99
CA ASP B 83 -17.03 24.03 26.13
C ASP B 83 -17.95 24.79 25.19
N PHE B 84 -17.36 25.66 24.37
CA PHE B 84 -18.12 26.54 23.49
C PHE B 84 -19.12 25.79 22.61
N GLU B 85 -20.38 26.21 22.68
CA GLU B 85 -21.43 25.61 21.88
C GLU B 85 -22.06 26.64 20.96
N PRO B 86 -21.41 26.90 19.82
CA PRO B 86 -21.94 27.88 18.87
C PRO B 86 -23.31 27.45 18.32
N LYS B 87 -24.19 28.41 18.11
CA LYS B 87 -25.50 28.10 17.55
C LYS B 87 -25.40 28.11 16.03
N LEU B 88 -24.79 27.06 15.50
CA LEU B 88 -24.42 27.02 14.09
C LEU B 88 -24.61 25.62 13.53
N PRO B 89 -24.94 25.50 12.23
CA PRO B 89 -24.99 24.18 11.60
C PRO B 89 -23.61 23.52 11.58
N VAL B 90 -23.59 22.20 11.62
CA VAL B 90 -22.35 21.46 11.79
C VAL B 90 -21.81 20.92 10.47
N VAL B 91 -20.52 21.16 10.23
CA VAL B 91 -19.79 20.43 9.21
C VAL B 91 -18.85 19.45 9.91
N VAL B 92 -18.93 18.18 9.54
CA VAL B 92 -18.04 17.19 10.12
C VAL B 92 -16.86 16.97 9.18
N ALA B 93 -15.67 17.26 9.68
CA ALA B 93 -14.44 17.05 8.91
C ALA B 93 -13.85 15.68 9.24
N ASN B 94 -13.23 15.03 8.26
CA ASN B 94 -12.57 13.77 8.54
C ASN B 94 -11.38 14.03 9.45
N LYS B 95 -10.85 12.95 10.01
CA LYS B 95 -9.82 13.01 11.06
C LYS B 95 -8.64 13.90 10.70
N TYR B 96 -8.17 13.81 9.45
CA TYR B 96 -6.98 14.53 9.04
C TYR B 96 -7.23 16.01 8.75
N ALA B 97 -8.35 16.30 8.07
CA ALA B 97 -8.71 17.68 7.77
C ALA B 97 -9.00 18.46 9.05
N ALA B 98 -9.66 17.80 9.99
CA ALA B 98 -10.03 18.40 11.25
C ALA B 98 -8.81 18.85 12.04
N GLU B 99 -7.74 18.06 11.99
CA GLU B 99 -6.51 18.38 12.69
C GLU B 99 -5.83 19.61 12.09
N SER B 100 -5.93 19.76 10.77
CA SER B 100 -5.32 20.89 10.10
C SER B 100 -6.14 22.17 10.31
N VAL B 101 -7.46 22.06 10.23
CA VAL B 101 -8.36 23.17 10.55
C VAL B 101 -8.14 23.63 11.99
N TYR B 102 -7.94 22.65 12.86
CA TYR B 102 -7.59 22.88 14.27
C TYR B 102 -6.39 23.84 14.42
N GLN B 103 -5.56 23.93 13.40
CA GLN B 103 -4.37 24.76 13.46
C GLN B 103 -4.41 25.92 12.46
N GLY B 104 -5.53 26.08 11.77
CA GLY B 104 -5.72 27.25 10.94
C GLY B 104 -5.88 27.02 9.45
N ALA B 105 -5.85 25.77 9.02
CA ALA B 105 -6.09 25.46 7.61
C ALA B 105 -7.55 25.73 7.24
N MET B 106 -7.78 26.04 5.96
CA MET B 106 -9.13 26.04 5.42
C MET B 106 -9.63 24.61 5.34
N LEU B 107 -10.94 24.43 5.20
CA LEU B 107 -11.49 23.10 4.99
C LEU B 107 -11.88 22.92 3.54
N TYR B 108 -11.27 21.93 2.88
CA TYR B 108 -11.54 21.65 1.48
C TYR B 108 -12.50 20.48 1.34
N ALA B 109 -13.10 20.34 0.16
CA ALA B 109 -14.18 19.39 -0.06
C ALA B 109 -13.84 17.94 0.30
N PRO B 110 -12.67 17.41 -0.12
CA PRO B 110 -12.34 16.04 0.31
C PRO B 110 -12.21 15.88 1.84
N GLY B 111 -12.04 16.99 2.55
CA GLY B 111 -11.91 16.92 4.00
C GLY B 111 -13.24 16.80 4.71
N VAL B 112 -14.31 16.86 3.94
CA VAL B 112 -15.66 16.83 4.49
C VAL B 112 -16.20 15.40 4.56
N LEU B 113 -16.58 14.97 5.75
CA LEU B 113 -17.13 13.64 5.99
C LEU B 113 -18.65 13.66 5.78
N LYS B 114 -19.29 14.61 6.43
CA LYS B 114 -20.72 14.83 6.30
C LYS B 114 -21.06 16.18 6.91
N ALA B 115 -22.27 16.67 6.67
CA ALA B 115 -22.64 18.01 7.10
C ALA B 115 -24.15 18.21 7.21
N ASP B 116 -24.53 19.30 7.87
CA ASP B 116 -25.93 19.70 8.00
C ASP B 116 -26.48 20.08 6.62
N LYS B 117 -27.68 19.56 6.31
CA LYS B 117 -28.26 19.72 4.98
C LYS B 117 -28.81 21.13 4.71
N ASN B 118 -28.96 21.93 5.76
CA ASN B 118 -29.49 23.29 5.60
C ASN B 118 -28.43 24.29 5.14
N ILE B 119 -27.19 23.83 5.03
CA ILE B 119 -26.06 24.73 4.80
C ILE B 119 -26.01 25.25 3.36
N LYS B 120 -25.94 26.56 3.23
CA LYS B 120 -25.76 27.18 1.93
C LYS B 120 -24.55 28.09 1.94
N GLU B 121 -24.01 28.37 0.75
CA GLU B 121 -22.89 29.28 0.60
C GLU B 121 -23.13 30.58 1.35
N GLY B 122 -22.14 31.04 2.11
CA GLY B 122 -22.27 32.23 2.91
C GLY B 122 -22.76 32.01 4.33
N ASP B 123 -23.26 30.81 4.62
CA ASP B 123 -23.69 30.50 5.99
C ASP B 123 -22.49 30.37 6.92
N GLU B 124 -22.66 30.85 8.15
CA GLU B 124 -21.66 30.62 9.17
C GLU B 124 -21.85 29.22 9.76
N VAL B 125 -20.76 28.46 9.84
CA VAL B 125 -20.83 27.06 10.27
C VAL B 125 -19.74 26.74 11.29
N GLN B 126 -19.96 25.68 12.04
CA GLN B 126 -18.97 25.16 12.96
C GLN B 126 -18.45 23.83 12.44
N ILE B 127 -17.15 23.60 12.61
CA ILE B 127 -16.54 22.39 12.08
C ILE B 127 -16.12 21.47 13.23
N ARG B 128 -16.58 20.23 13.17
CA ARG B 128 -16.20 19.24 14.19
C ARG B 128 -15.53 18.04 13.56
N ASP B 129 -14.63 17.43 14.33
CA ASP B 129 -13.98 16.20 13.91
C ASP B 129 -15.00 15.05 14.11
N PRO B 130 -14.67 13.81 13.66
CA PRO B 130 -15.68 12.75 13.75
C PRO B 130 -16.14 12.40 15.17
N LYS B 131 -15.45 12.89 16.20
CA LYS B 131 -15.83 12.60 17.58
C LYS B 131 -16.43 13.80 18.30
N GLY B 132 -16.82 14.82 17.55
CA GLY B 132 -17.53 15.95 18.12
C GLY B 132 -16.63 17.05 18.66
N LEU B 133 -15.32 16.92 18.47
CA LEU B 133 -14.41 17.96 18.89
C LEU B 133 -14.54 19.18 17.98
N LEU B 134 -14.86 20.32 18.58
CA LEU B 134 -14.97 21.57 17.83
C LEU B 134 -13.57 22.09 17.49
N VAL B 135 -13.26 22.17 16.20
CA VAL B 135 -11.90 22.52 15.79
C VAL B 135 -11.82 23.87 15.09
N GLY B 136 -12.96 24.45 14.75
CA GLY B 136 -12.97 25.72 14.05
C GLY B 136 -14.34 26.20 13.65
N ILE B 137 -14.42 27.49 13.34
CA ILE B 137 -15.65 28.14 12.90
C ILE B 137 -15.33 28.95 11.65
N GLY B 138 -16.26 28.98 10.70
CA GLY B 138 -16.00 29.64 9.43
C GLY B 138 -17.23 29.88 8.60
N ILE B 139 -17.02 30.16 7.32
CA ILE B 139 -18.09 30.52 6.41
C ILE B 139 -18.11 29.55 5.25
N ALA B 140 -19.26 28.93 5.01
CA ALA B 140 -19.38 27.95 3.93
C ALA B 140 -19.24 28.62 2.56
N ARG B 141 -18.40 28.04 1.71
CA ARG B 141 -18.24 28.53 0.35
C ARG B 141 -18.86 27.56 -0.64
N MET B 142 -19.50 26.53 -0.08
CA MET B 142 -20.29 25.60 -0.87
C MET B 142 -21.62 25.33 -0.17
N ASP B 143 -22.66 25.01 -0.95
CA ASP B 143 -23.92 24.54 -0.39
C ASP B 143 -23.70 23.12 0.12
N TYR B 144 -24.65 22.61 0.91
CA TYR B 144 -24.56 21.24 1.39
C TYR B 144 -24.26 20.24 0.27
N LYS B 145 -25.03 20.32 -0.80
CA LYS B 145 -24.93 19.36 -1.90
C LYS B 145 -23.54 19.33 -2.54
N GLU B 146 -23.01 20.51 -2.90
CA GLU B 146 -21.71 20.56 -3.56
C GLU B 146 -20.60 20.15 -2.59
N MET B 147 -20.77 20.53 -1.33
CA MET B 147 -19.80 20.24 -0.29
C MET B 147 -19.57 18.74 -0.10
N THR B 148 -20.66 17.97 -0.13
CA THR B 148 -20.59 16.53 0.08
C THR B 148 -20.32 15.75 -1.21
N GLU B 149 -20.21 16.45 -2.33
CA GLU B 149 -20.02 15.78 -3.61
C GLU B 149 -18.70 16.15 -4.30
N ALA B 150 -18.30 17.41 -4.20
CA ALA B 150 -17.06 17.87 -4.84
C ALA B 150 -15.86 17.00 -4.45
N THR B 151 -14.93 16.85 -5.37
CA THR B 151 -13.70 16.12 -5.09
C THR B 151 -12.55 17.09 -4.78
N ARG B 152 -12.78 18.36 -5.09
CA ARG B 152 -11.81 19.40 -4.78
C ARG B 152 -12.52 20.73 -4.53
N GLY B 153 -11.74 21.75 -4.19
CA GLY B 153 -12.28 23.08 -3.99
C GLY B 153 -12.41 23.46 -2.53
N LEU B 154 -12.71 24.73 -2.29
CA LEU B 154 -12.87 25.25 -0.93
C LEU B 154 -14.29 25.04 -0.43
N ALA B 155 -14.41 24.36 0.72
CA ALA B 155 -15.73 24.05 1.27
C ALA B 155 -16.11 25.04 2.36
N VAL B 156 -15.19 25.26 3.30
CA VAL B 156 -15.40 26.24 4.35
C VAL B 156 -14.17 27.12 4.49
N GLU B 157 -14.37 28.43 4.41
CA GLU B 157 -13.34 29.38 4.76
C GLU B 157 -13.28 29.52 6.28
N VAL B 158 -12.19 29.04 6.88
CA VAL B 158 -12.09 29.00 8.34
C VAL B 158 -11.61 30.34 8.87
N THR B 159 -12.54 31.10 9.43
CA THR B 159 -12.26 32.45 9.91
C THR B 159 -11.96 32.47 11.40
N LEU B 160 -12.31 31.39 12.09
CA LEU B 160 -11.98 31.28 13.51
C LEU B 160 -11.52 29.87 13.84
N PRO B 161 -10.28 29.56 13.49
CA PRO B 161 -9.70 28.27 13.91
C PRO B 161 -9.52 28.25 15.41
N LYS B 162 -9.51 27.05 16.00
CA LYS B 162 -9.26 26.93 17.43
C LYS B 162 -7.88 27.49 17.77
N PHE B 163 -6.90 27.13 16.93
CA PHE B 163 -5.55 27.67 17.05
C PHE B 163 -5.09 28.12 15.68
N LYS B 164 -4.13 29.03 15.64
CA LYS B 164 -3.60 29.48 14.36
C LYS B 164 -2.08 29.42 14.30
N LEU B 165 -1.57 28.60 13.38
CA LEU B 165 -0.16 28.58 13.03
C LEU B 165 -0.01 29.01 11.58
N PRO B 166 1.09 29.69 11.26
CA PRO B 166 1.30 30.15 9.89
C PRO B 166 1.37 28.98 8.90
N SER B 167 0.81 29.19 7.71
CA SER B 167 0.97 28.23 6.62
C SER B 167 2.18 28.65 5.80
N LEU B 168 3.18 27.77 5.74
CA LEU B 168 4.44 28.13 5.12
C LEU B 168 4.68 27.38 3.82
N SER B 169 3.87 26.35 3.58
CA SER B 169 4.09 25.46 2.44
C SER B 169 3.84 26.15 1.10
N GLU B 170 2.98 27.16 1.08
CA GLU B 170 2.66 27.86 -0.15
C GLU B 170 3.52 29.09 -0.41
N LEU B 171 4.44 29.37 0.51
CA LEU B 171 5.32 30.53 0.36
C LEU B 171 6.37 30.29 -0.72
N LYS B 172 6.75 31.36 -1.42
CA LYS B 172 7.82 31.29 -2.40
C LYS B 172 9.15 30.90 -1.74
N ALA B 173 9.35 31.40 -0.52
CA ALA B 173 10.55 31.08 0.24
C ALA B 173 10.67 29.58 0.47
N PHE B 174 9.54 28.92 0.66
CA PHE B 174 9.52 27.47 0.83
C PHE B 174 9.88 26.77 -0.47
N GLU B 175 9.27 27.22 -1.56
CA GLU B 175 9.49 26.61 -2.87
C GLU B 175 10.96 26.73 -3.30
N LYS B 176 11.61 27.80 -2.89
CA LYS B 176 13.01 28.02 -3.23
C LYS B 176 13.98 27.33 -2.27
N GLY B 177 13.44 26.62 -1.28
CA GLY B 177 14.25 25.82 -0.38
C GLY B 177 14.99 26.59 0.69
N TYR B 178 14.42 27.73 1.10
CA TYR B 178 15.08 28.60 2.07
C TYR B 178 15.00 28.06 3.49
N PHE B 179 14.02 27.20 3.73
CA PHE B 179 13.84 26.66 5.07
C PHE B 179 13.08 25.33 5.07
N TYR B 180 13.10 24.67 6.22
CA TYR B 180 12.44 23.38 6.42
C TYR B 180 11.78 23.36 7.78
N PRO B 181 10.45 23.29 7.82
CA PRO B 181 9.74 23.27 9.10
C PRO B 181 10.17 22.06 9.92
N GLN B 182 10.59 22.31 11.15
CA GLN B 182 11.22 21.30 11.98
C GLN B 182 11.26 21.77 13.43
N GLY B 183 10.94 20.88 14.36
CA GLY B 183 10.87 21.24 15.76
C GLY B 183 12.23 21.50 16.36
N LEU B 184 12.25 22.28 17.44
CA LEU B 184 13.48 22.58 18.17
C LEU B 184 14.21 21.31 18.64
N PRO B 185 13.51 20.37 19.33
CA PRO B 185 14.22 19.16 19.76
C PRO B 185 14.87 18.38 18.60
N SER B 186 14.19 18.29 17.47
CA SER B 186 14.76 17.60 16.31
C SER B 186 16.01 18.29 15.78
N MET B 187 16.01 19.62 15.83
CA MET B 187 17.18 20.39 15.40
C MET B 187 18.36 20.21 16.37
N VAL B 188 18.06 20.20 17.67
CA VAL B 188 19.07 19.93 18.68
C VAL B 188 19.71 18.57 18.45
N THR B 189 18.89 17.60 18.07
CA THR B 189 19.35 16.24 17.82
C THR B 189 20.51 16.20 16.83
N ALA B 190 20.33 16.83 15.67
CA ALA B 190 21.36 16.85 14.63
C ALA B 190 22.62 17.58 15.08
N ARG B 191 22.44 18.66 15.82
CA ARG B 191 23.57 19.41 16.38
C ARG B 191 24.37 18.54 17.34
N VAL B 192 23.66 17.87 18.23
CA VAL B 192 24.27 17.05 19.27
C VAL B 192 25.08 15.88 18.69
N LEU B 193 24.79 15.53 17.44
CA LEU B 193 25.56 14.51 16.74
C LEU B 193 26.95 15.04 16.37
N GLU B 194 27.06 16.35 16.18
CA GLU B 194 28.30 17.02 15.77
C GLU B 194 28.95 16.35 14.57
N PRO B 195 28.25 16.30 13.43
CA PRO B 195 28.81 15.63 12.26
C PRO B 195 30.04 16.34 11.69
N LYS B 196 31.01 15.56 11.22
CA LYS B 196 32.20 16.10 10.59
C LYS B 196 32.28 15.62 9.15
N GLU B 197 32.83 16.47 8.28
CA GLU B 197 32.98 16.18 6.86
C GLU B 197 33.72 14.85 6.60
N ASP B 198 34.55 14.45 7.55
CA ASP B 198 35.31 13.21 7.42
C ASP B 198 34.48 11.99 7.82
N ASP B 199 33.52 12.17 8.71
CA ASP B 199 32.80 11.05 9.31
C ASP B 199 32.02 10.22 8.28
N VAL B 200 32.08 8.91 8.44
CA VAL B 200 31.09 8.06 7.80
C VAL B 200 29.81 8.15 8.62
N ILE B 201 28.74 8.58 7.97
CA ILE B 201 27.52 8.95 8.68
C ILE B 201 26.32 8.19 8.15
N ILE B 202 25.56 7.59 9.07
CA ILE B 202 24.38 6.84 8.69
C ILE B 202 23.15 7.35 9.43
N ASP B 203 22.15 7.75 8.65
CA ASP B 203 20.82 8.04 9.17
C ASP B 203 19.95 6.85 8.80
N MET B 204 19.62 6.01 9.78
CA MET B 204 19.01 4.72 9.46
C MET B 204 17.48 4.68 9.53
N ALA B 205 16.87 5.80 9.89
CA ALA B 205 15.42 5.97 9.74
C ALA B 205 15.18 7.42 9.33
N ALA B 206 15.45 7.72 8.07
CA ALA B 206 15.77 9.08 7.66
C ALA B 206 14.64 9.84 7.00
N ALA B 207 13.71 9.15 6.36
CA ALA B 207 12.67 9.85 5.60
C ALA B 207 11.66 10.47 6.55
N PRO B 208 11.08 11.64 6.20
CA PRO B 208 11.23 12.40 4.94
C PRO B 208 12.51 13.23 4.83
N GLY B 209 13.41 13.12 5.81
CA GLY B 209 14.73 13.70 5.68
C GLY B 209 15.00 14.99 6.44
N GLY B 210 14.19 15.26 7.45
CA GLY B 210 14.38 16.43 8.29
C GLY B 210 15.76 16.52 8.89
N LYS B 211 16.18 15.48 9.60
CA LYS B 211 17.48 15.52 10.27
C LYS B 211 18.63 15.28 9.30
N THR B 212 18.36 14.49 8.26
CA THR B 212 19.41 14.20 7.28
C THR B 212 19.86 15.47 6.58
N THR B 213 18.91 16.29 6.15
CA THR B 213 19.22 17.52 5.44
C THR B 213 19.83 18.56 6.37
N HIS B 214 19.48 18.50 7.64
CA HIS B 214 20.11 19.36 8.64
C HIS B 214 21.59 19.01 8.78
N ILE B 215 21.88 17.72 8.82
CA ILE B 215 23.27 17.25 8.84
C ILE B 215 24.02 17.76 7.62
N ALA B 216 23.35 17.73 6.47
CA ALA B 216 23.93 18.16 5.20
C ALA B 216 24.33 19.63 5.22
N GLN B 217 23.51 20.48 5.82
CA GLN B 217 23.84 21.89 5.86
C GLN B 217 24.90 22.19 6.93
N LEU B 218 24.92 21.39 7.99
CA LEU B 218 25.99 21.49 8.99
C LEU B 218 27.34 21.09 8.40
N LEU B 219 27.30 20.15 7.44
CA LEU B 219 28.50 19.71 6.73
C LEU B 219 28.84 20.65 5.58
N GLU B 220 27.94 21.57 5.28
CA GLU B 220 28.06 22.49 4.15
C GLU B 220 28.16 21.72 2.85
N ASN B 221 27.29 20.71 2.71
CA ASN B 221 27.21 19.88 1.52
C ASN B 221 28.50 19.14 1.19
N LYS B 222 29.41 19.04 2.17
CA LYS B 222 30.62 18.26 2.02
C LYS B 222 30.42 16.86 2.59
N GLY B 223 31.37 15.97 2.33
CA GLY B 223 31.29 14.61 2.83
C GLY B 223 30.18 13.80 2.19
N GLU B 224 29.71 12.77 2.90
CA GLU B 224 28.61 11.96 2.40
C GLU B 224 27.73 11.48 3.55
N ILE B 225 26.42 11.47 3.33
CA ILE B 225 25.48 10.96 4.31
C ILE B 225 24.72 9.79 3.73
N ILE B 226 24.74 8.66 4.41
CA ILE B 226 23.93 7.54 3.98
C ILE B 226 22.61 7.58 4.74
N ALA B 227 21.52 7.70 3.99
CA ALA B 227 20.20 7.85 4.58
C ALA B 227 19.32 6.65 4.25
N ILE B 228 18.87 5.95 5.27
CA ILE B 228 18.12 4.71 5.11
C ILE B 228 16.66 4.90 5.48
N ASP B 229 15.77 4.30 4.72
CA ASP B 229 14.37 4.16 5.10
C ASP B 229 13.78 2.96 4.36
N LYS B 230 12.81 2.31 5.00
CA LYS B 230 12.18 1.14 4.39
C LYS B 230 11.07 1.55 3.42
N SER B 231 10.51 2.74 3.63
CA SER B 231 9.36 3.20 2.84
C SER B 231 9.77 3.91 1.55
N LYS B 232 9.32 3.40 0.42
CA LYS B 232 9.65 4.01 -0.87
C LYS B 232 8.94 5.34 -1.07
N ASN B 233 7.71 5.42 -0.57
CA ASN B 233 6.93 6.64 -0.69
C ASN B 233 7.55 7.79 0.10
N ARG B 234 7.90 7.53 1.36
CA ARG B 234 8.55 8.53 2.20
C ARG B 234 9.93 8.89 1.66
N LEU B 235 10.61 7.91 1.06
CA LEU B 235 11.87 8.18 0.37
C LEU B 235 11.67 9.03 -0.88
N ARG B 236 10.57 8.80 -1.58
CA ARG B 236 10.22 9.59 -2.74
C ARG B 236 10.04 11.05 -2.33
N LYS B 237 9.37 11.26 -1.21
CA LYS B 237 9.22 12.59 -0.64
C LYS B 237 10.57 13.19 -0.24
N MET B 238 11.46 12.33 0.25
CA MET B 238 12.78 12.77 0.69
C MET B 238 13.61 13.27 -0.48
N GLU B 239 13.48 12.63 -1.64
CA GLU B 239 14.17 13.09 -2.85
C GLU B 239 13.74 14.51 -3.22
N GLU B 240 12.44 14.79 -3.10
CA GLU B 240 11.92 16.12 -3.41
C GLU B 240 12.42 17.16 -2.41
N ASN B 241 12.47 16.77 -1.13
CA ASN B 241 13.03 17.66 -0.11
C ASN B 241 14.49 17.96 -0.39
N ILE B 242 15.23 16.94 -0.80
CA ILE B 242 16.65 17.08 -1.11
C ILE B 242 16.87 18.02 -2.29
N LYS B 243 16.11 17.81 -3.37
CA LYS B 243 16.23 18.66 -4.54
C LYS B 243 15.85 20.10 -4.21
N ARG B 244 14.76 20.28 -3.45
CA ARG B 244 14.28 21.60 -3.11
C ARG B 244 15.25 22.37 -2.21
N LEU B 245 15.84 21.67 -1.26
CA LEU B 245 16.77 22.29 -0.30
C LEU B 245 18.16 22.47 -0.89
N GLY B 246 18.40 21.90 -2.06
CA GLY B 246 19.71 21.98 -2.70
C GLY B 246 20.74 21.09 -2.02
N VAL B 247 20.27 19.97 -1.46
CA VAL B 247 21.16 19.05 -0.79
C VAL B 247 21.83 18.12 -1.79
N LYS B 248 23.16 18.10 -1.79
CA LYS B 248 23.92 17.29 -2.73
C LYS B 248 24.78 16.30 -1.97
N ASN B 249 24.44 16.10 -0.71
CA ASN B 249 25.33 15.47 0.25
C ASN B 249 24.91 14.04 0.60
N VAL B 250 23.75 13.63 0.10
CA VAL B 250 23.06 12.47 0.65
C VAL B 250 22.90 11.34 -0.36
N LYS B 251 23.20 10.12 0.09
CA LYS B 251 22.98 8.91 -0.68
C LYS B 251 21.80 8.13 -0.09
N LEU B 252 20.73 8.00 -0.88
CA LEU B 252 19.53 7.28 -0.44
C LEU B 252 19.59 5.80 -0.71
N VAL B 253 19.26 5.01 0.31
CA VAL B 253 19.11 3.57 0.15
C VAL B 253 17.81 3.10 0.80
N GLN B 254 17.03 2.32 0.05
CA GLN B 254 15.83 1.70 0.58
C GLN B 254 16.16 0.30 1.11
N MET B 255 15.80 0.03 2.36
CA MET B 255 16.08 -1.24 3.02
C MET B 255 15.55 -1.25 4.45
N ASP B 256 15.43 -2.45 5.00
CA ASP B 256 15.15 -2.65 6.41
C ASP B 256 16.42 -2.36 7.20
N ALA B 257 16.41 -1.28 7.98
CA ALA B 257 17.60 -0.82 8.70
C ALA B 257 18.09 -1.84 9.72
N ARG B 258 17.21 -2.75 10.14
CA ARG B 258 17.58 -3.78 11.10
C ARG B 258 18.58 -4.76 10.51
N LYS B 259 18.67 -4.78 9.18
CA LYS B 259 19.66 -5.61 8.50
C LYS B 259 20.90 -4.83 8.09
N LEU B 260 21.07 -3.63 8.64
CA LEU B 260 22.25 -2.81 8.33
C LEU B 260 23.57 -3.59 8.41
N PRO B 261 23.75 -4.43 9.45
CA PRO B 261 25.00 -5.21 9.48
C PRO B 261 25.23 -6.10 8.26
N ASP B 262 24.22 -6.25 7.40
CA ASP B 262 24.42 -6.99 6.15
C ASP B 262 25.35 -6.21 5.23
N LEU B 263 25.35 -4.89 5.34
CA LEU B 263 26.43 -4.12 4.73
C LEU B 263 27.65 -4.34 5.61
N GLY B 264 28.80 -3.87 5.17
CA GLY B 264 29.99 -4.08 5.95
C GLY B 264 30.45 -2.83 6.65
N ILE B 265 29.56 -1.84 6.74
CA ILE B 265 29.99 -0.50 7.11
C ILE B 265 30.23 -0.42 8.61
N LYS B 266 31.36 0.18 8.95
CA LYS B 266 31.62 0.60 10.31
C LYS B 266 31.59 2.12 10.33
N ALA B 267 30.50 2.70 10.82
CA ALA B 267 30.31 4.14 10.77
C ALA B 267 30.99 4.86 11.92
N ASP B 268 31.36 6.11 11.70
CA ASP B 268 31.85 6.96 12.77
C ASP B 268 30.67 7.54 13.53
N LYS B 269 29.62 7.86 12.80
CA LYS B 269 28.44 8.50 13.40
C LYS B 269 27.18 7.84 12.90
N ILE B 270 26.32 7.47 13.83
CA ILE B 270 25.00 6.96 13.47
C ILE B 270 23.91 7.76 14.17
N LEU B 271 22.96 8.26 13.38
CA LEU B 271 21.74 8.82 13.92
C LEU B 271 20.60 7.79 13.84
N LEU B 272 19.96 7.54 14.97
CA LEU B 272 18.81 6.64 14.98
C LEU B 272 17.59 7.38 15.51
N ASP B 273 16.92 8.06 14.60
CA ASP B 273 15.67 8.74 14.90
C ASP B 273 14.55 7.74 14.68
N ALA B 274 14.26 6.96 15.72
CA ALA B 274 13.57 5.68 15.56
C ALA B 274 12.05 5.80 15.45
N PRO B 275 11.45 4.90 14.67
CA PRO B 275 9.99 4.72 14.72
C PRO B 275 9.56 4.49 16.16
N CYS B 276 8.50 5.15 16.58
CA CYS B 276 8.11 5.12 17.98
C CYS B 276 6.61 5.31 18.11
N THR B 277 6.11 5.16 19.34
CA THR B 277 4.68 5.30 19.61
C THR B 277 4.16 6.74 19.40
N ALA B 278 5.08 7.69 19.26
CA ALA B 278 4.74 9.08 18.95
C ALA B 278 3.84 9.71 20.00
N LEU B 279 4.01 9.33 21.25
CA LEU B 279 3.17 9.85 22.33
C LEU B 279 3.38 11.35 22.56
N GLY B 280 4.49 11.87 22.07
CA GLY B 280 4.83 13.26 22.30
C GLY B 280 4.39 14.23 21.22
N VAL B 281 3.85 13.72 20.12
CA VAL B 281 3.57 14.57 18.97
C VAL B 281 2.36 15.45 19.23
N ARG B 282 2.40 16.66 18.66
CA ARG B 282 1.35 17.64 18.86
C ARG B 282 0.87 18.16 17.51
N PRO B 283 -0.43 18.49 17.40
CA PRO B 283 -1.42 18.33 18.46
C PRO B 283 -1.92 16.89 18.55
N LYS B 284 -2.37 16.50 19.74
CA LYS B 284 -2.88 15.16 19.97
C LYS B 284 -4.39 15.22 20.23
N LEU B 285 -5.16 15.20 19.15
CA LEU B 285 -6.61 15.27 19.29
C LEU B 285 -7.12 14.04 20.03
N TRP B 286 -6.75 12.85 19.54
CA TRP B 286 -7.12 11.62 20.22
C TRP B 286 -5.97 10.62 20.17
N GLU B 287 -5.50 10.20 21.35
CA GLU B 287 -4.43 9.24 21.44
C GLU B 287 -4.96 7.81 21.31
N GLU B 288 -4.54 7.12 20.25
CA GLU B 288 -5.00 5.76 19.99
C GLU B 288 -4.01 4.71 20.52
N ARG B 289 -2.74 5.08 20.57
CA ARG B 289 -1.72 4.13 21.01
C ARG B 289 -1.67 4.05 22.52
N THR B 290 -1.37 2.84 23.01
CA THR B 290 -1.39 2.56 24.43
C THR B 290 -0.25 1.62 24.84
N LEU B 291 -0.39 1.04 26.02
CA LEU B 291 0.70 0.29 26.66
C LEU B 291 1.21 -0.87 25.81
N LYS B 292 0.31 -1.67 25.27
CA LYS B 292 0.68 -2.77 24.38
C LYS B 292 1.57 -2.30 23.23
N HIS B 293 1.32 -1.09 22.74
CA HIS B 293 2.10 -0.52 21.66
C HIS B 293 3.49 -0.10 22.14
N ILE B 294 3.56 0.32 23.39
CA ILE B 294 4.82 0.75 23.96
C ILE B 294 5.79 -0.43 24.07
N GLU B 295 5.30 -1.55 24.63
CA GLU B 295 6.13 -2.73 24.76
C GLU B 295 6.56 -3.27 23.40
N ALA B 296 5.62 -3.41 22.48
CA ALA B 296 5.92 -3.94 21.15
C ALA B 296 6.91 -3.05 20.40
N THR B 297 6.67 -1.74 20.41
CA THR B 297 7.51 -0.81 19.67
C THR B 297 8.91 -0.71 20.28
N ALA B 298 8.97 -0.74 21.61
CA ALA B 298 10.26 -0.71 22.30
C ALA B 298 11.12 -1.88 21.86
N ARG B 299 10.51 -3.05 21.74
CA ARG B 299 11.19 -4.25 21.30
C ARG B 299 11.65 -4.11 19.86
N TYR B 300 10.82 -3.44 19.06
CA TYR B 300 11.12 -3.20 17.65
C TYR B 300 12.36 -2.31 17.52
N GLN B 301 12.50 -1.35 18.42
CA GLN B 301 13.60 -0.40 18.39
C GLN B 301 14.95 -1.04 18.74
N ARG B 302 14.94 -2.03 19.62
CA ARG B 302 16.18 -2.71 20.05
C ARG B 302 16.86 -3.37 18.86
N ALA B 303 16.07 -3.84 17.91
CA ALA B 303 16.60 -4.41 16.68
C ALA B 303 17.37 -3.34 15.89
N PHE B 304 16.82 -2.13 15.80
CA PHE B 304 17.54 -1.02 15.19
C PHE B 304 18.81 -0.72 15.96
N ILE B 305 18.66 -0.65 17.28
CA ILE B 305 19.75 -0.29 18.16
C ILE B 305 20.90 -1.29 18.06
N TRP B 306 20.57 -2.57 18.14
CA TRP B 306 21.58 -3.63 18.04
C TRP B 306 22.29 -3.55 16.68
N ALA B 307 21.50 -3.37 15.62
CA ALA B 307 22.04 -3.25 14.27
C ALA B 307 22.97 -2.04 14.14
N ALA B 308 22.63 -0.97 14.83
CA ALA B 308 23.44 0.25 14.80
C ALA B 308 24.76 0.04 15.54
N ILE B 309 24.68 -0.55 16.72
CA ILE B 309 25.87 -0.81 17.52
C ILE B 309 26.89 -1.66 16.76
N LYS B 310 26.39 -2.69 16.08
CA LYS B 310 27.27 -3.58 15.32
C LYS B 310 27.86 -2.89 14.08
N SER B 311 27.23 -1.81 13.65
CA SER B 311 27.73 -1.06 12.48
C SER B 311 28.55 0.17 12.87
N LEU B 312 28.77 0.36 14.17
CA LEU B 312 29.58 1.46 14.65
C LEU B 312 31.03 1.04 14.88
N ARG B 313 31.98 1.86 14.44
CA ARG B 313 33.37 1.68 14.82
C ARG B 313 33.47 1.87 16.33
N ARG B 314 34.45 1.21 16.95
CA ARG B 314 34.80 1.52 18.32
C ARG B 314 35.18 2.99 18.37
N GLY B 315 34.79 3.68 19.44
CA GLY B 315 34.98 5.13 19.49
C GLY B 315 33.93 5.90 18.69
N GLY B 316 33.05 5.17 18.01
CA GLY B 316 32.00 5.79 17.21
C GLY B 316 30.86 6.31 18.05
N VAL B 317 30.02 7.14 17.44
CA VAL B 317 28.96 7.82 18.18
C VAL B 317 27.58 7.49 17.65
N LEU B 318 26.68 7.14 18.58
CA LEU B 318 25.28 6.94 18.24
C LEU B 318 24.43 8.01 18.91
N VAL B 319 23.57 8.66 18.14
CA VAL B 319 22.55 9.52 18.69
C VAL B 319 21.21 8.84 18.52
N TYR B 320 20.54 8.59 19.63
CA TYR B 320 19.22 7.97 19.63
C TYR B 320 18.15 9.00 20.01
N SER B 321 17.12 9.12 19.18
CA SER B 321 16.04 10.05 19.47
C SER B 321 14.67 9.47 19.16
N THR B 322 13.67 9.88 19.94
CA THR B 322 12.27 9.55 19.64
C THR B 322 11.38 10.77 19.91
N CYS B 323 10.19 10.76 19.32
CA CYS B 323 9.16 11.73 19.66
C CYS B 323 8.10 11.08 20.55
N THR B 324 8.55 10.34 21.56
CA THR B 324 7.63 9.68 22.47
C THR B 324 8.04 9.89 23.92
N LEU B 325 7.09 9.71 24.83
CA LEU B 325 7.30 9.97 26.25
C LEU B 325 7.61 8.71 27.07
N SER B 326 7.34 7.54 26.50
CA SER B 326 7.39 6.30 27.27
C SER B 326 8.78 6.06 27.84
N TYR B 327 8.84 5.42 28.99
CA TYR B 327 10.11 5.04 29.59
C TYR B 327 10.77 3.97 28.75
N GLU B 328 10.00 2.94 28.40
CA GLU B 328 10.53 1.74 27.75
C GLU B 328 11.27 2.03 26.44
N GLU B 329 10.73 2.95 25.64
CA GLU B 329 11.33 3.28 24.35
C GLU B 329 12.53 4.22 24.48
N ASN B 330 12.70 4.79 25.67
CA ASN B 330 13.72 5.80 25.85
C ASN B 330 14.79 5.35 26.84
N GLU B 331 14.66 5.74 28.10
CA GLU B 331 15.63 5.39 29.13
C GLU B 331 15.79 3.88 29.24
N GLY B 332 14.68 3.17 29.10
CA GLY B 332 14.70 1.73 29.15
C GLY B 332 15.56 1.13 28.05
N ASN B 333 15.47 1.70 26.85
CA ASN B 333 16.24 1.22 25.72
C ASN B 333 17.68 1.71 25.71
N VAL B 334 17.98 2.78 26.43
CA VAL B 334 19.36 3.22 26.55
C VAL B 334 20.14 2.30 27.49
N LYS B 335 19.50 1.89 28.58
CA LYS B 335 20.09 0.89 29.47
C LYS B 335 20.47 -0.38 28.69
N PHE B 336 19.60 -0.78 27.77
CA PHE B 336 19.94 -1.86 26.83
C PHE B 336 21.26 -1.57 26.12
N MET B 337 21.42 -0.34 25.63
CA MET B 337 22.65 0.04 24.93
C MET B 337 23.87 0.00 25.84
N ILE B 338 23.68 0.42 27.09
CA ILE B 338 24.79 0.43 28.05
C ILE B 338 25.26 -0.99 28.39
N ARG B 339 24.32 -1.94 28.41
CA ARG B 339 24.68 -3.34 28.59
C ARG B 339 25.36 -3.88 27.33
N LYS B 340 25.22 -3.17 26.22
CA LYS B 340 25.77 -3.64 24.96
C LYS B 340 27.06 -2.93 24.57
N GLY B 341 27.77 -2.40 25.56
CA GLY B 341 29.08 -1.81 25.31
C GLY B 341 29.07 -0.35 24.86
N MET B 342 27.95 0.33 25.11
CA MET B 342 27.85 1.76 24.81
C MET B 342 27.93 2.60 26.08
N LYS B 343 28.45 3.83 25.94
CA LYS B 343 28.62 4.72 27.08
C LYS B 343 27.96 6.10 26.87
N LEU B 344 27.25 6.58 27.90
CA LEU B 344 26.61 7.88 27.84
C LEU B 344 27.62 9.01 27.77
N GLU B 345 27.33 10.00 26.92
CA GLU B 345 28.19 11.16 26.76
C GLU B 345 27.38 12.45 26.89
N GLU B 346 27.99 13.47 27.47
CA GLU B 346 27.39 14.79 27.56
C GLU B 346 27.04 15.31 26.18
N GLN B 347 25.85 15.90 26.05
CA GLN B 347 25.40 16.49 24.80
C GLN B 347 25.81 17.96 24.70
N SER B 348 26.14 18.40 23.50
CA SER B 348 26.73 19.72 23.30
C SER B 348 25.75 20.85 23.55
N ILE B 349 24.47 20.61 23.28
CA ILE B 349 23.41 21.55 23.63
C ILE B 349 22.42 20.87 24.57
N PHE B 350 22.20 21.46 25.74
CA PHE B 350 21.23 20.91 26.69
C PHE B 350 20.29 22.01 27.18
N ILE B 351 19.09 22.07 26.60
CA ILE B 351 18.11 23.07 27.01
C ILE B 351 16.78 22.43 27.43
N GLY B 352 16.72 21.11 27.42
CA GLY B 352 15.53 20.41 27.86
C GLY B 352 15.60 20.05 29.34
N SER B 353 15.09 18.88 29.69
CA SER B 353 15.14 18.39 31.06
C SER B 353 15.98 17.13 31.16
N PRO B 354 16.46 16.79 32.38
CA PRO B 354 17.09 15.49 32.55
C PRO B 354 16.11 14.36 32.29
N GLY B 355 16.63 13.16 32.01
CA GLY B 355 15.78 12.01 31.79
C GLY B 355 15.24 11.45 33.09
N ILE B 356 14.42 10.41 32.99
CA ILE B 356 13.87 9.78 34.18
C ILE B 356 14.91 8.89 34.86
N GLY B 357 15.39 9.32 36.02
CA GLY B 357 16.38 8.55 36.76
C GLY B 357 17.65 8.29 35.96
N MET B 358 18.11 9.29 35.23
CA MET B 358 19.19 9.07 34.27
C MET B 358 19.80 10.40 33.83
N ASN B 359 21.12 10.48 33.85
CA ASN B 359 21.79 11.79 33.96
C ASN B 359 22.12 12.54 32.67
N LYS B 360 22.59 11.86 31.63
CA LYS B 360 23.11 12.60 30.47
C LYS B 360 22.16 12.67 29.27
N VAL B 361 21.05 11.96 29.33
CA VAL B 361 20.05 12.04 28.28
C VAL B 361 19.19 13.28 28.43
N GLN B 362 18.55 13.69 27.34
CA GLN B 362 17.82 14.95 27.33
C GLN B 362 16.37 14.78 26.91
N ARG B 363 15.45 15.22 27.77
CA ARG B 363 14.02 15.13 27.47
C ARG B 363 13.39 16.49 27.22
N PHE B 364 12.39 16.51 26.35
CA PHE B 364 11.60 17.71 26.16
C PHE B 364 10.14 17.43 26.51
N TYR B 365 9.55 18.37 27.23
CA TYR B 365 8.15 18.27 27.64
C TYR B 365 7.37 19.45 27.10
N PRO B 366 6.11 19.21 26.70
CA PRO B 366 5.29 20.28 26.14
C PRO B 366 5.01 21.42 27.13
N HIS B 367 4.81 21.10 28.39
CA HIS B 367 4.46 22.12 29.38
C HIS B 367 5.67 22.92 29.86
N LYS B 368 6.87 22.33 29.75
CA LYS B 368 8.08 23.06 30.16
C LYS B 368 8.76 23.81 29.02
N HIS B 369 8.81 23.21 27.83
CA HIS B 369 9.64 23.75 26.76
C HIS B 369 8.87 24.18 25.51
N LEU B 370 7.55 24.02 25.54
CA LEU B 370 6.68 24.51 24.47
C LEU B 370 6.88 23.72 23.19
N THR B 371 7.38 22.50 23.32
CA THR B 371 7.70 21.65 22.19
C THR B 371 6.90 20.35 22.23
N GLN B 372 7.09 19.52 21.23
CA GLN B 372 6.61 18.14 21.30
C GLN B 372 7.36 17.38 22.40
N GLY B 373 6.75 16.32 22.92
CA GLY B 373 7.45 15.42 23.81
C GLY B 373 8.55 14.75 23.02
N PHE B 374 9.73 14.65 23.61
CA PHE B 374 10.90 14.22 22.85
C PHE B 374 11.98 13.66 23.76
N PHE B 375 12.91 12.93 23.16
CA PHE B 375 13.97 12.28 23.91
C PHE B 375 15.22 12.19 23.05
N ILE B 376 16.36 12.50 23.64
CA ILE B 376 17.63 12.44 22.91
C ILE B 376 18.69 11.78 23.78
N ALA B 377 19.30 10.73 23.26
CA ALA B 377 20.43 10.07 23.91
C ALA B 377 21.64 10.08 22.98
N LYS B 378 22.81 10.38 23.54
CA LYS B 378 24.05 10.35 22.79
C LYS B 378 25.02 9.36 23.42
N LEU B 379 25.47 8.39 22.62
CA LEU B 379 26.33 7.34 23.16
C LEU B 379 27.63 7.16 22.39
N ARG B 380 28.63 6.68 23.12
CA ARG B 380 29.95 6.37 22.58
C ARG B 380 30.20 4.86 22.71
N LYS B 381 30.56 4.21 21.61
CA LYS B 381 30.85 2.78 21.64
C LYS B 381 32.26 2.53 22.18
N VAL B 382 32.35 2.12 23.44
CA VAL B 382 33.64 1.93 24.11
C VAL B 382 34.27 0.57 23.85
N LYS B 383 33.46 -0.44 23.50
CA LYS B 383 33.97 -1.78 23.19
C LYS B 383 32.95 -2.59 22.42
N ASP B 384 33.37 -3.75 21.93
CA ASP B 384 32.47 -4.62 21.17
C ASP B 384 31.77 -5.61 22.08
#